data_9QE3
#
_entry.id   9QE3
#
_cell.length_a   110.507
_cell.length_b   110.507
_cell.length_c   241.574
_cell.angle_alpha   90
_cell.angle_beta   90
_cell.angle_gamma   90
#
_symmetry.space_group_name_H-M   'P 43 21 2'
#
loop_
_entity.id
_entity.type
_entity.pdbx_description
1 polymer 'Myeloperoxidase inhibitor SPIN'
2 polymer 'Myeloperoxidase light chain'
3 polymer 'Myeloperoxidase heavy chain'
4 branched alpha-D-mannopyranose-(1-6)-beta-D-mannopyranose-(1-4)-2-acetamido-2-deoxy-beta-D-glucopyranose-(1-4)-[alpha-L-fucopyranose-(1-6)]2-acetamido-2-deoxy-beta-D-glucopyranose
5 non-polymer 'SELENOCYANATE ION'
6 non-polymer 'PROTOPORPHYRIN IX CONTAINING FE'
7 non-polymer 2-acetamido-2-deoxy-beta-D-glucopyranose
8 non-polymer 'CALCIUM ION'
9 water water
#
loop_
_entity_poly.entity_id
_entity_poly.type
_entity_poly.pdbx_seq_one_letter_code
_entity_poly.pdbx_strand_id
1 'polypeptide(L)' ANFLEHELSYIDVLLDKNADQATKDNLRSYFADKGLHSIKDIINKAKQDGFDVSKYEHVK E,F
2 'polypeptide(L)'
;VTCPEQDKYRTITGMCNNRRSPTLGASNRAFVRWLPAEYEDGFSLPYGWTPGVKRNGFPVALARAVSNEIVRFPTDQLTP
DQERSLMFMQWGQLLDHDLDFTPEPAARASFVTG
;
A,C
3 'polypeptide(L)'
;VNCETSCVQQPPCFPLKIPPNDPRIKNQADCIPFFRS(CSO)PACPGSNITIRNQINALTSFVDASMVYGSEEPLARNLR
NMSNQLGLLAVNQRFQDNGRALLPFDNLHDDPCLLTNRSARIPCFLAGDTRSSEMPELTSMHTLLLREHNRLATELKSLN
PRWDGERLYQEARKIVGAMVQIITYRDYLPLVLGPTAMRKYLPTYRSYNDSVDPRIANVFTNAFRYGHTLIQPFMFRLDN
RYQPMEPNPRVPLSRVFFASWRVVLEGGIDPILRGLMATPAKLNRQNQIAVDEIRERLFEQVMRIGLDLPALNMQRSRDH
GLPGYNAWRRFCGLPQPETVGQLGTVLRNLKLARKLMEQYGTPNNIDIWMGGVSEPLKRKGRVGPLLACIIGTQFRKLRD
GDRFWWENEGVFSMQQRQALAQISLPRIICDNTGITTVSKNNIFMSNSYPRDFVNCSTLPALNLASWREAS
;
B,D
#
# COMPACT_ATOMS: atom_id res chain seq x y z
N ALA A 1 20.89 14.19 -19.46
CA ALA A 1 21.57 15.38 -20.05
C ALA A 1 22.29 15.02 -21.36
N ASN A 2 22.88 13.81 -21.49
CA ASN A 2 23.98 13.61 -22.41
C ASN A 2 23.53 13.75 -23.86
N PHE A 3 24.34 14.48 -24.64
CA PHE A 3 24.21 14.53 -26.09
C PHE A 3 24.37 13.10 -26.62
N LEU A 4 23.52 12.76 -27.61
CA LEU A 4 23.46 11.45 -28.21
C LEU A 4 24.07 11.51 -29.59
N GLU A 5 24.68 10.42 -30.03
CA GLU A 5 25.48 10.47 -31.24
C GLU A 5 24.61 10.78 -32.46
N HIS A 6 23.40 10.17 -32.51
CA HIS A 6 22.49 10.38 -33.63
C HIS A 6 22.03 11.83 -33.74
N GLU A 7 22.05 12.59 -32.63
CA GLU A 7 21.71 14.01 -32.65
C GLU A 7 22.73 14.86 -33.41
N LEU A 8 23.96 14.33 -33.66
CA LEU A 8 24.92 15.00 -34.55
C LEU A 8 24.35 15.21 -35.96
N SER A 9 23.52 14.28 -36.45
CA SER A 9 22.92 14.39 -37.76
C SER A 9 21.93 15.57 -37.85
N TYR A 10 21.33 15.94 -36.71
CA TYR A 10 20.44 17.09 -36.62
C TYR A 10 21.23 18.38 -36.80
N ILE A 11 22.47 18.46 -36.27
CA ILE A 11 23.36 19.59 -36.47
C ILE A 11 23.57 19.81 -37.97
N ASP A 12 23.74 18.72 -38.74
CA ASP A 12 23.85 18.80 -40.19
C ASP A 12 22.61 19.44 -40.82
N VAL A 13 21.41 19.00 -40.42
CA VAL A 13 20.16 19.49 -41.00
C VAL A 13 20.05 20.99 -40.73
N LEU A 14 20.33 21.42 -39.49
CA LEU A 14 20.24 22.82 -39.09
C LEU A 14 21.21 23.69 -39.87
N LEU A 15 22.32 23.11 -40.38
CA LEU A 15 23.33 23.84 -41.15
C LEU A 15 23.13 23.72 -42.67
N ASP A 16 22.47 22.63 -43.13
CA ASP A 16 22.08 22.50 -44.52
C ASP A 16 21.28 23.73 -44.92
N LYS A 17 21.90 24.60 -45.75
CA LYS A 17 21.28 25.82 -46.27
C LYS A 17 19.94 25.54 -46.97
N ASN A 18 19.84 24.39 -47.66
CA ASN A 18 18.68 24.02 -48.45
C ASN A 18 17.65 23.21 -47.63
N ALA A 19 17.88 23.03 -46.32
CA ALA A 19 16.93 22.32 -45.48
C ALA A 19 15.74 23.24 -45.20
N ASP A 20 14.55 22.63 -45.19
CA ASP A 20 13.27 23.30 -45.08
C ASP A 20 13.22 24.07 -43.76
N GLN A 21 12.52 25.22 -43.76
CA GLN A 21 12.56 26.14 -42.62
C GLN A 21 11.73 25.59 -41.46
N ALA A 22 10.60 24.94 -41.77
CA ALA A 22 9.80 24.18 -40.81
C ALA A 22 10.61 23.05 -40.17
N THR A 23 11.40 22.33 -40.98
CA THR A 23 12.21 21.19 -40.54
C THR A 23 13.22 21.64 -39.48
N LYS A 24 13.84 22.81 -39.70
CA LYS A 24 14.81 23.37 -38.78
C LYS A 24 14.15 23.82 -37.48
N ASP A 25 12.98 24.45 -37.58
CA ASP A 25 12.26 24.89 -36.40
C ASP A 25 11.79 23.70 -35.56
N ASN A 26 11.43 22.56 -36.16
CA ASN A 26 11.07 21.41 -35.34
C ASN A 26 12.29 20.87 -34.59
N LEU A 27 13.48 20.93 -35.18
CA LEU A 27 14.70 20.56 -34.50
C LEU A 27 15.12 21.62 -33.49
N ARG A 28 14.99 22.91 -33.82
CA ARG A 28 15.29 23.95 -32.86
C ARG A 28 14.46 23.80 -31.61
N SER A 29 13.16 23.51 -31.77
CA SER A 29 12.21 23.24 -30.69
C SER A 29 12.57 22.03 -29.80
N TYR A 30 13.01 20.92 -30.44
CA TYR A 30 13.55 19.72 -29.80
C TYR A 30 14.75 20.03 -28.90
N PHE A 31 15.71 20.81 -29.41
CA PHE A 31 16.89 21.19 -28.65
C PHE A 31 16.54 22.20 -27.56
N ALA A 32 15.51 23.05 -27.77
CA ALA A 32 15.08 23.99 -26.74
C ALA A 32 14.45 23.27 -25.53
N ASP A 33 13.73 22.18 -25.75
CA ASP A 33 13.25 21.34 -24.64
C ASP A 33 14.41 20.79 -23.81
N LYS A 34 15.62 20.65 -24.36
CA LYS A 34 16.81 20.21 -23.66
C LYS A 34 17.72 21.35 -23.20
N GLY A 35 17.29 22.61 -23.25
CA GLY A 35 18.07 23.75 -22.79
C GLY A 35 19.11 24.29 -23.77
N LEU A 36 18.99 23.95 -25.07
CA LEU A 36 19.95 24.32 -26.10
C LEU A 36 19.26 25.24 -27.12
N HIS A 37 19.52 26.55 -27.03
CA HIS A 37 18.66 27.57 -27.62
C HIS A 37 19.23 28.20 -28.90
N SER A 38 20.52 27.98 -29.22
CA SER A 38 21.11 28.32 -30.51
C SER A 38 21.81 27.08 -31.08
N ILE A 39 22.27 27.13 -32.35
CA ILE A 39 23.15 26.11 -32.92
C ILE A 39 24.48 26.07 -32.18
N LYS A 40 24.95 27.21 -31.64
CA LYS A 40 26.19 27.26 -30.89
C LYS A 40 26.09 26.51 -29.57
N ASP A 41 24.93 26.58 -28.89
CA ASP A 41 24.65 25.81 -27.70
C ASP A 41 24.64 24.30 -28.01
N ILE A 42 24.06 23.90 -29.15
CA ILE A 42 23.94 22.52 -29.56
C ILE A 42 25.34 21.94 -29.82
N ILE A 43 26.13 22.64 -30.63
CA ILE A 43 27.48 22.21 -30.99
C ILE A 43 28.38 22.15 -29.74
N ASN A 44 28.28 23.13 -28.83
CA ASN A 44 29.09 23.12 -27.62
C ASN A 44 28.71 21.98 -26.65
N LYS A 45 27.43 21.60 -26.58
CA LYS A 45 26.96 20.49 -25.76
C LYS A 45 27.53 19.17 -26.30
N ALA A 46 27.50 18.99 -27.62
CA ALA A 46 28.09 17.85 -28.31
C ALA A 46 29.59 17.73 -28.07
N LYS A 47 30.29 18.88 -28.02
CA LYS A 47 31.72 18.92 -27.73
C LYS A 47 31.96 18.40 -26.32
N GLN A 48 31.27 18.97 -25.33
CA GLN A 48 31.49 18.67 -23.92
C GLN A 48 31.17 17.21 -23.58
N ASP A 49 30.16 16.63 -24.24
CA ASP A 49 29.76 15.25 -24.04
C ASP A 49 30.61 14.25 -24.83
N GLY A 50 31.59 14.71 -25.59
CA GLY A 50 32.69 13.86 -26.07
C GLY A 50 32.79 13.75 -27.59
N PHE A 51 31.90 14.37 -28.38
CA PHE A 51 31.87 14.16 -29.83
C PHE A 51 32.87 15.08 -30.54
N ASP A 52 33.47 14.56 -31.64
CA ASP A 52 34.20 15.37 -32.60
C ASP A 52 33.23 16.28 -33.33
N VAL A 53 33.44 17.59 -33.17
CA VAL A 53 32.61 18.64 -33.74
C VAL A 53 33.47 19.52 -34.66
N SER A 54 34.70 19.07 -35.01
CA SER A 54 35.65 19.91 -35.70
C SER A 54 35.16 20.21 -37.13
N LYS A 55 34.37 19.30 -37.71
CA LYS A 55 33.77 19.50 -39.02
C LYS A 55 32.78 20.66 -39.09
N TYR A 56 32.35 21.25 -37.95
CA TYR A 56 31.55 22.47 -37.92
C TYR A 56 32.48 23.69 -37.70
N GLU A 57 32.63 24.50 -38.76
CA GLU A 57 33.41 25.73 -38.76
C GLU A 57 32.49 26.92 -39.11
N ALA B 1 7.94 15.30 26.99
CA ALA B 1 6.85 15.29 28.02
C ALA B 1 6.75 16.67 28.69
N ASN B 2 5.51 17.20 28.74
CA ASN B 2 5.13 18.20 29.75
C ASN B 2 5.00 17.50 31.11
N PHE B 3 5.40 18.21 32.17
CA PHE B 3 5.13 17.81 33.55
C PHE B 3 3.61 17.74 33.73
N LEU B 4 3.15 16.71 34.45
CA LEU B 4 1.74 16.40 34.67
C LEU B 4 1.38 16.70 36.12
N GLU B 5 0.14 17.10 36.37
CA GLU B 5 -0.26 17.57 37.69
C GLU B 5 -0.15 16.46 38.74
N HIS B 6 -0.54 15.23 38.39
CA HIS B 6 -0.45 14.09 39.31
C HIS B 6 1.00 13.76 39.69
N GLU B 7 1.99 14.10 38.85
CA GLU B 7 3.40 13.92 39.18
C GLU B 7 3.87 14.82 40.33
N LEU B 8 3.13 15.89 40.68
CA LEU B 8 3.38 16.67 41.89
C LEU B 8 3.31 15.81 43.15
N SER B 9 2.40 14.82 43.19
CA SER B 9 2.25 13.93 44.33
C SER B 9 3.47 13.03 44.53
N TYR B 10 4.23 12.75 43.45
CA TYR B 10 5.46 11.99 43.52
C TYR B 10 6.55 12.79 44.24
N ILE B 11 6.59 14.12 44.03
CA ILE B 11 7.53 15.00 44.73
C ILE B 11 7.28 14.89 46.24
N ASP B 12 6.01 14.82 46.66
CA ASP B 12 5.65 14.58 48.06
C ASP B 12 6.26 13.28 48.58
N VAL B 13 6.12 12.18 47.82
CA VAL B 13 6.59 10.87 48.28
C VAL B 13 8.10 10.92 48.47
N LEU B 14 8.83 11.51 47.50
CA LEU B 14 10.29 11.63 47.55
C LEU B 14 10.75 12.47 48.74
N LEU B 15 9.90 13.41 49.22
CA LEU B 15 10.19 14.28 50.36
C LEU B 15 9.66 13.71 51.69
N ASP B 16 8.62 12.86 51.66
CA ASP B 16 8.17 12.16 52.85
C ASP B 16 9.36 11.41 53.45
N LYS B 17 9.86 11.92 54.60
CA LYS B 17 11.01 11.36 55.30
C LYS B 17 10.79 9.89 55.66
N ASN B 18 9.55 9.50 55.97
CA ASN B 18 9.22 8.13 56.36
C ASN B 18 8.73 7.27 55.17
N ALA B 19 8.88 7.74 53.93
CA ALA B 19 8.50 6.94 52.77
C ALA B 19 9.54 5.85 52.52
N ASP B 20 9.05 4.67 52.10
CA ASP B 20 9.82 3.46 51.85
C ASP B 20 10.95 3.74 50.86
N GLN B 21 12.10 3.08 51.08
CA GLN B 21 13.35 3.33 50.36
C GLN B 21 13.23 2.86 48.90
N ALA B 22 12.65 1.66 48.72
CA ALA B 22 12.36 1.11 47.41
C ALA B 22 11.37 1.99 46.64
N THR B 23 10.36 2.54 47.33
CA THR B 23 9.33 3.38 46.73
C THR B 23 9.95 4.63 46.10
N LYS B 24 10.94 5.23 46.77
CA LYS B 24 11.64 6.40 46.27
C LYS B 24 12.48 6.07 45.04
N ASP B 25 13.18 4.92 45.07
CA ASP B 25 13.93 4.39 43.93
C ASP B 25 13.05 4.21 42.70
N ASN B 26 11.82 3.67 42.88
CA ASN B 26 10.82 3.52 41.83
C ASN B 26 10.61 4.86 41.10
N LEU B 27 10.41 5.91 41.91
CA LEU B 27 10.09 7.24 41.40
C LEU B 27 11.35 7.92 40.85
N ARG B 28 12.51 7.75 41.50
CA ARG B 28 13.76 8.30 40.98
C ARG B 28 14.00 7.79 39.55
N SER B 29 13.82 6.48 39.37
CA SER B 29 13.98 5.77 38.11
C SER B 29 12.99 6.26 37.03
N TYR B 30 11.72 6.49 37.42
CA TYR B 30 10.66 7.04 36.58
C TYR B 30 11.01 8.42 36.03
N PHE B 31 11.50 9.33 36.89
CA PHE B 31 11.91 10.66 36.47
C PHE B 31 13.20 10.60 35.63
N ALA B 32 14.09 9.63 35.89
CA ALA B 32 15.31 9.44 35.10
C ALA B 32 15.00 9.01 33.66
N ASP B 33 13.97 8.17 33.44
CA ASP B 33 13.49 7.85 32.10
C ASP B 33 13.08 9.10 31.30
N LYS B 34 12.68 10.19 31.99
CA LYS B 34 12.30 11.45 31.34
C LYS B 34 13.47 12.40 31.09
N GLY B 35 14.68 12.12 31.62
CA GLY B 35 15.77 13.08 31.66
C GLY B 35 15.65 14.10 32.80
N LEU B 36 15.02 13.70 33.93
CA LEU B 36 15.01 14.47 35.17
C LEU B 36 15.80 13.71 36.22
N HIS B 37 17.04 14.15 36.50
CA HIS B 37 18.03 13.37 37.23
C HIS B 37 18.24 13.81 38.68
N SER B 38 17.75 15.00 39.06
CA SER B 38 17.67 15.45 40.45
C SER B 38 16.25 15.89 40.79
N ILE B 39 15.99 16.19 42.08
CA ILE B 39 14.74 16.84 42.49
C ILE B 39 14.72 18.29 41.98
N LYS B 40 15.88 18.94 41.77
CA LYS B 40 15.92 20.29 41.20
C LYS B 40 15.43 20.27 39.74
N ASP B 41 15.81 19.24 38.97
CA ASP B 41 15.30 19.03 37.60
C ASP B 41 13.78 18.86 37.59
N ILE B 42 13.25 18.05 38.54
CA ILE B 42 11.83 17.75 38.66
C ILE B 42 11.05 19.03 38.96
N ILE B 43 11.45 19.76 40.01
CA ILE B 43 10.70 20.92 40.46
C ILE B 43 10.84 22.07 39.46
N ASN B 44 11.98 22.23 38.77
CA ASN B 44 12.13 23.27 37.74
C ASN B 44 11.31 23.00 36.48
N LYS B 45 11.13 21.70 36.14
CA LYS B 45 10.27 21.30 35.02
C LYS B 45 8.80 21.63 35.32
N ALA B 46 8.37 21.31 36.56
CA ALA B 46 7.06 21.62 37.08
C ALA B 46 6.77 23.12 37.09
N LYS B 47 7.79 23.95 37.41
CA LYS B 47 7.68 25.41 37.37
C LYS B 47 7.34 25.87 35.94
N GLN B 48 8.18 25.48 34.98
CA GLN B 48 8.10 25.96 33.60
C GLN B 48 6.79 25.53 32.91
N ASP B 49 6.29 24.33 33.25
CA ASP B 49 5.06 23.78 32.67
C ASP B 49 3.81 24.28 33.41
N GLY B 50 3.94 25.12 34.45
CA GLY B 50 2.84 25.91 34.97
C GLY B 50 2.54 25.72 36.46
N PHE B 51 2.97 24.62 37.10
CA PHE B 51 2.55 24.28 38.46
C PHE B 51 3.45 24.92 39.52
N ASP B 52 2.85 25.29 40.66
CA ASP B 52 3.55 25.83 41.81
C ASP B 52 4.33 24.72 42.55
N VAL B 53 5.65 24.92 42.72
CA VAL B 53 6.51 24.04 43.51
C VAL B 53 7.07 24.70 44.77
N SER B 54 6.75 25.99 45.02
CA SER B 54 7.17 26.67 46.25
C SER B 54 6.55 26.02 47.49
N LYS B 55 5.36 25.40 47.34
CA LYS B 55 4.70 24.66 48.41
C LYS B 55 5.51 23.47 48.94
N TYR B 56 6.57 23.02 48.24
CA TYR B 56 7.43 21.94 48.73
C TYR B 56 8.70 22.44 49.41
N GLU B 57 9.09 23.70 49.20
CA GLU B 57 10.45 24.15 49.47
C GLU B 57 10.70 24.18 50.99
N HIS B 58 11.83 23.56 51.38
CA HIS B 58 12.01 22.93 52.69
C HIS B 58 12.37 24.03 53.70
N CYS C 3 -6.65 14.80 -16.07
CA CYS C 3 -6.51 13.93 -17.26
C CYS C 3 -7.49 14.40 -18.33
N PRO C 4 -7.10 14.60 -19.61
CA PRO C 4 -8.08 14.96 -20.63
C PRO C 4 -9.26 14.00 -20.69
N GLU C 5 -10.45 14.55 -20.95
CA GLU C 5 -11.74 13.84 -20.91
C GLU C 5 -11.86 12.88 -22.10
N GLN C 6 -11.31 13.29 -23.24
CA GLN C 6 -11.17 12.45 -24.41
C GLN C 6 -9.69 12.43 -24.74
N ASP C 7 -9.21 11.28 -25.23
CA ASP C 7 -7.86 11.15 -25.76
C ASP C 7 -7.86 9.97 -26.72
N LYS C 8 -6.79 9.82 -27.49
CA LYS C 8 -6.71 8.77 -28.51
C LYS C 8 -5.55 7.80 -28.30
N TYR C 9 -4.42 8.29 -27.77
CA TYR C 9 -3.21 7.49 -27.64
C TYR C 9 -2.87 7.36 -26.15
N ARG C 10 -2.13 6.30 -25.83
CA ARG C 10 -1.51 6.17 -24.53
C ARG C 10 -0.56 7.34 -24.33
N THR C 11 -0.45 7.82 -23.10
CA THR C 11 0.67 8.67 -22.72
C THR C 11 1.92 7.78 -22.69
N ILE C 12 3.09 8.42 -22.64
CA ILE C 12 4.36 7.71 -22.58
C ILE C 12 4.54 7.15 -21.19
N THR C 13 4.18 7.94 -20.15
CA THR C 13 4.42 7.58 -18.76
C THR C 13 3.42 6.56 -18.26
N GLY C 14 2.27 6.42 -18.93
CA GLY C 14 1.19 5.60 -18.43
C GLY C 14 0.16 6.39 -17.61
N MET C 15 0.47 7.66 -17.32
CA MET C 15 -0.41 8.57 -16.63
C MET C 15 -1.75 8.56 -17.36
N CYS C 16 -2.84 8.57 -16.59
CA CYS C 16 -4.18 8.78 -17.10
C CYS C 16 -4.78 7.56 -17.80
N ASN C 17 -4.12 6.39 -17.78
CA ASN C 17 -4.72 5.17 -18.28
C ASN C 17 -5.99 4.88 -17.49
N ASN C 18 -5.85 4.89 -16.17
CA ASN C 18 -6.95 4.81 -15.24
C ASN C 18 -7.35 6.24 -14.89
N ARG C 19 -8.54 6.66 -15.30
CA ARG C 19 -9.00 8.02 -15.09
C ARG C 19 -9.33 8.30 -13.63
N ARG C 20 -9.84 7.36 -12.86
CA ARG C 20 -10.16 7.62 -11.46
C ARG C 20 -8.89 7.64 -10.59
N SER C 21 -7.85 6.86 -10.92
CA SER C 21 -6.60 6.86 -10.15
C SER C 21 -5.41 6.88 -11.11
N PRO C 22 -5.06 8.08 -11.67
CA PRO C 22 -4.25 8.17 -12.88
C PRO C 22 -2.77 7.82 -12.81
N THR C 23 -2.19 7.56 -11.64
CA THR C 23 -0.82 7.04 -11.51
C THR C 23 -0.78 5.53 -11.72
N LEU C 24 -1.92 4.82 -11.71
CA LEU C 24 -1.92 3.36 -11.65
C LEU C 24 -1.36 2.79 -12.95
N GLY C 25 -0.20 2.11 -12.84
CA GLY C 25 0.49 1.59 -13.98
C GLY C 25 1.41 2.60 -14.66
N ALA C 26 1.45 3.84 -14.16
CA ALA C 26 2.38 4.83 -14.65
C ALA C 26 3.76 4.57 -14.08
N SER C 27 4.78 5.11 -14.75
CA SER C 27 6.18 4.92 -14.41
C SER C 27 6.58 5.74 -13.19
N ASN C 28 7.67 5.30 -12.52
CA ASN C 28 8.24 5.98 -11.37
C ASN C 28 7.25 6.08 -10.21
N ARG C 29 6.58 4.96 -9.93
CA ARG C 29 5.69 4.82 -8.80
C ARG C 29 6.01 3.53 -8.06
N ALA C 30 5.55 3.46 -6.81
CA ALA C 30 5.77 2.31 -5.98
C ALA C 30 5.05 1.13 -6.58
N PHE C 31 5.66 -0.06 -6.46
CA PHE C 31 4.98 -1.32 -6.73
C PHE C 31 3.80 -1.46 -5.79
N VAL C 32 2.79 -2.17 -6.25
CA VAL C 32 1.75 -2.62 -5.38
C VAL C 32 2.26 -3.87 -4.68
N ARG C 33 1.78 -4.08 -3.45
CA ARG C 33 2.11 -5.24 -2.65
C ARG C 33 0.84 -6.03 -2.53
N TRP C 34 0.91 -7.34 -2.83
CA TRP C 34 -0.18 -8.30 -2.61
C TRP C 34 -0.22 -8.86 -1.19
N LEU C 35 0.87 -8.80 -0.44
CA LEU C 35 0.91 -9.22 0.96
C LEU C 35 1.66 -8.16 1.77
N PRO C 36 1.54 -8.16 3.12
CA PRO C 36 2.42 -7.36 3.95
C PRO C 36 3.87 -7.77 3.81
N ALA C 37 4.74 -6.77 3.84
CA ALA C 37 6.18 -6.92 3.67
C ALA C 37 6.79 -7.59 4.90
N GLU C 38 7.87 -8.36 4.67
CA GLU C 38 8.53 -9.10 5.73
C GLU C 38 10.00 -8.67 5.80
N TYR C 39 10.31 -7.84 6.81
CA TYR C 39 11.64 -7.32 7.03
C TYR C 39 12.09 -7.76 8.42
N GLU C 40 13.40 -7.81 8.60
CA GLU C 40 14.02 -8.17 9.87
C GLU C 40 13.52 -7.28 11.00
N ASP C 41 13.35 -5.97 10.76
CA ASP C 41 12.97 -4.97 11.76
C ASP C 41 11.49 -4.57 11.59
N GLY C 42 10.73 -5.25 10.73
CA GLY C 42 9.35 -4.88 10.54
C GLY C 42 9.13 -3.93 9.37
N PHE C 43 10.06 -2.99 9.11
CA PHE C 43 9.77 -1.90 8.18
C PHE C 43 10.88 -1.65 7.15
N SER C 44 12.09 -2.21 7.27
CA SER C 44 13.19 -1.72 6.44
C SER C 44 14.29 -2.74 6.11
N LEU C 45 14.77 -3.46 7.11
CA LEU C 45 16.01 -4.21 6.98
C LEU C 45 15.70 -5.59 6.43
N PRO C 46 16.41 -6.08 5.40
CA PRO C 46 16.11 -7.39 4.85
C PRO C 46 16.56 -8.50 5.79
N TYR C 47 15.89 -9.67 5.71
CA TYR C 47 16.39 -10.87 6.37
C TYR C 47 17.79 -11.20 5.85
N GLY C 48 18.68 -11.54 6.79
CA GLY C 48 20.08 -11.77 6.51
C GLY C 48 20.94 -10.55 6.79
N TRP C 49 20.37 -9.39 7.13
CA TRP C 49 21.15 -8.17 7.37
C TRP C 49 21.98 -8.27 8.63
N THR C 50 21.35 -8.56 9.77
CA THR C 50 21.99 -8.53 11.06
C THR C 50 22.48 -9.94 11.39
N PRO C 51 23.79 -10.16 11.62
CA PRO C 51 24.27 -11.48 12.00
C PRO C 51 23.55 -12.03 13.23
N GLY C 52 23.05 -13.26 13.14
CA GLY C 52 22.43 -13.93 14.26
C GLY C 52 20.91 -13.74 14.36
N VAL C 53 20.31 -12.81 13.62
CA VAL C 53 18.85 -12.64 13.65
C VAL C 53 18.17 -13.69 12.76
N LYS C 54 17.33 -14.53 13.37
CA LYS C 54 16.62 -15.62 12.69
C LYS C 54 15.38 -15.10 11.96
N ARG C 55 14.90 -15.87 10.98
CA ARG C 55 13.63 -15.60 10.32
C ARG C 55 12.66 -16.66 10.78
N ASN C 56 11.62 -16.26 11.52
CA ASN C 56 10.57 -17.19 11.87
C ASN C 56 11.18 -18.39 12.58
N GLY C 57 12.17 -18.15 13.47
CA GLY C 57 12.76 -19.19 14.30
C GLY C 57 13.83 -20.03 13.62
N PHE C 58 14.36 -19.60 12.48
CA PHE C 58 15.34 -20.40 11.77
C PHE C 58 16.42 -19.46 11.23
N PRO C 59 17.70 -19.89 11.17
CA PRO C 59 18.70 -19.08 10.53
C PRO C 59 18.36 -18.79 9.07
N VAL C 60 18.75 -17.58 8.65
CA VAL C 60 18.64 -17.17 7.26
C VAL C 60 19.78 -17.81 6.50
N ALA C 61 19.48 -18.38 5.32
CA ALA C 61 20.48 -19.09 4.55
C ALA C 61 21.16 -18.12 3.61
N LEU C 62 22.50 -18.17 3.52
CA LEU C 62 23.21 -17.40 2.52
C LEU C 62 22.62 -17.75 1.16
N ALA C 63 22.27 -16.73 0.38
CA ALA C 63 21.63 -16.92 -0.91
C ALA C 63 22.59 -17.69 -1.82
N ARG C 64 23.89 -17.38 -1.72
CA ARG C 64 24.93 -18.04 -2.48
C ARG C 64 25.03 -19.51 -2.07
N ALA C 65 24.83 -19.83 -0.79
CA ALA C 65 24.81 -21.21 -0.33
C ALA C 65 23.61 -21.94 -0.91
N VAL C 66 22.43 -21.32 -0.91
CA VAL C 66 21.25 -21.94 -1.50
C VAL C 66 21.53 -22.20 -2.98
N SER C 67 22.09 -21.24 -3.70
CA SER C 67 22.51 -21.43 -5.09
C SER C 67 23.50 -22.60 -5.23
N ASN C 68 24.51 -22.65 -4.37
CA ASN C 68 25.50 -23.73 -4.41
C ASN C 68 24.85 -25.10 -4.24
N GLU C 69 23.95 -25.21 -3.24
CA GLU C 69 23.48 -26.52 -2.81
C GLU C 69 22.28 -27.00 -3.63
N ILE C 70 21.52 -26.09 -4.23
CA ILE C 70 20.24 -26.44 -4.82
C ILE C 70 20.22 -26.19 -6.33
N VAL C 71 20.86 -25.11 -6.79
CA VAL C 71 20.71 -24.59 -8.14
C VAL C 71 21.81 -25.16 -9.04
N ARG C 72 23.04 -25.21 -8.53
CA ARG C 72 24.16 -25.67 -9.32
C ARG C 72 23.92 -27.09 -9.83
N PHE C 73 24.43 -27.34 -11.04
CA PHE C 73 24.40 -28.65 -11.67
C PHE C 73 25.49 -28.66 -12.73
N PRO C 74 26.01 -29.83 -13.14
CA PRO C 74 26.97 -29.89 -14.23
C PRO C 74 26.35 -29.45 -15.56
N THR C 75 26.79 -28.31 -16.10
CA THR C 75 26.07 -27.60 -17.16
C THR C 75 26.07 -28.40 -18.46
N ASP C 76 27.07 -29.28 -18.65
CA ASP C 76 27.16 -30.16 -19.79
C ASP C 76 26.07 -31.25 -19.78
N GLN C 77 25.34 -31.48 -18.68
CA GLN C 77 24.25 -32.45 -18.63
C GLN C 77 22.89 -31.81 -18.90
N LEU C 78 22.90 -30.56 -19.34
CA LEU C 78 21.69 -29.78 -19.57
C LEU C 78 20.69 -30.58 -20.39
N THR C 79 19.42 -30.51 -19.98
CA THR C 79 18.31 -31.09 -20.70
C THR C 79 17.77 -30.05 -21.68
N PRO C 80 17.86 -30.23 -23.02
CA PRO C 80 17.14 -29.32 -23.93
C PRO C 80 15.65 -29.57 -23.90
N ASP C 81 14.87 -28.51 -24.10
CA ASP C 81 13.43 -28.58 -24.09
C ASP C 81 12.98 -28.90 -25.50
N GLN C 82 12.39 -30.08 -25.68
CA GLN C 82 11.93 -30.50 -26.98
C GLN C 82 10.84 -29.57 -27.50
N GLU C 83 10.03 -28.97 -26.62
CA GLU C 83 8.83 -28.28 -27.03
C GLU C 83 8.91 -26.78 -26.78
N ARG C 84 10.12 -26.21 -26.63
CA ARG C 84 10.28 -24.76 -26.53
C ARG C 84 11.54 -24.35 -27.28
N SER C 85 11.45 -23.32 -28.11
CA SER C 85 12.61 -22.63 -28.65
C SER C 85 13.26 -21.72 -27.60
N LEU C 86 14.48 -21.31 -27.87
CA LEU C 86 15.19 -20.33 -27.07
C LEU C 86 14.56 -18.97 -27.21
N MET C 87 13.89 -18.69 -28.33
CA MET C 87 13.07 -17.51 -28.53
C MET C 87 12.00 -17.38 -27.44
N PHE C 88 11.52 -18.52 -26.92
CA PHE C 88 10.59 -18.53 -25.80
C PHE C 88 11.20 -17.92 -24.55
N MET C 89 12.50 -18.16 -24.28
CA MET C 89 13.07 -17.44 -23.16
C MET C 89 13.24 -15.99 -23.55
N GLN C 90 13.66 -15.71 -24.78
CA GLN C 90 14.02 -14.35 -25.14
C GLN C 90 12.82 -13.41 -25.11
N TRP C 91 11.64 -13.90 -25.54
CA TRP C 91 10.42 -13.11 -25.45
C TRP C 91 10.09 -12.80 -23.98
N GLY C 92 10.41 -13.71 -23.08
CA GLY C 92 10.10 -13.47 -21.68
C GLY C 92 10.88 -12.29 -21.14
N GLN C 93 12.18 -12.22 -21.46
CA GLN C 93 13.04 -11.15 -20.99
C GLN C 93 12.64 -9.83 -21.63
N LEU C 94 12.36 -9.82 -22.95
CA LEU C 94 11.91 -8.65 -23.67
C LEU C 94 10.61 -8.13 -23.06
N LEU C 95 9.65 -9.03 -22.82
CA LEU C 95 8.38 -8.70 -22.21
C LEU C 95 8.59 -8.16 -20.79
N ASP C 96 9.45 -8.80 -19.99
CA ASP C 96 9.78 -8.32 -18.66
C ASP C 96 10.23 -6.84 -18.71
N HIS C 97 10.93 -6.48 -19.77
CA HIS C 97 11.47 -5.17 -19.99
C HIS C 97 10.41 -4.18 -20.47
N ASP C 98 9.20 -4.67 -20.79
CA ASP C 98 8.02 -3.85 -20.97
C ASP C 98 7.32 -3.55 -19.63
N LEU C 99 7.53 -4.36 -18.60
CA LEU C 99 6.72 -4.40 -17.40
C LEU C 99 7.41 -3.76 -16.19
N ASP C 100 8.66 -4.10 -15.91
CA ASP C 100 9.32 -3.68 -14.70
C ASP C 100 10.82 -3.50 -14.88
N PHE C 101 11.32 -2.37 -14.33
CA PHE C 101 12.71 -2.14 -14.00
C PHE C 101 12.73 -1.52 -12.62
N THR C 102 13.45 -2.13 -11.66
CA THR C 102 13.52 -1.65 -10.30
C THR C 102 14.84 -0.90 -10.13
N PRO C 103 14.88 0.46 -10.00
CA PRO C 103 16.14 1.18 -9.88
C PRO C 103 16.85 0.94 -8.55
N GLU C 104 18.17 1.07 -8.60
CA GLU C 104 19.04 1.01 -7.43
C GLU C 104 19.85 2.29 -7.40
N PRO C 105 20.42 2.69 -6.24
CA PRO C 105 21.32 3.83 -6.20
C PRO C 105 22.56 3.62 -7.08
N ALA C 106 22.93 4.69 -7.79
CA ALA C 106 24.25 4.82 -8.39
C ALA C 106 25.31 4.85 -7.28
N ALA C 107 26.46 4.20 -7.52
CA ALA C 107 27.65 4.45 -6.70
C ALA C 107 28.07 5.92 -6.86
N CYS D 3 11.49 -9.77 17.35
CA CYS D 3 10.35 -10.01 18.28
C CYS D 3 10.69 -11.18 19.21
N PRO D 4 10.51 -11.08 20.55
CA PRO D 4 10.69 -12.24 21.41
C PRO D 4 9.89 -13.46 20.93
N GLU D 5 10.48 -14.67 21.00
CA GLU D 5 9.89 -15.88 20.43
C GLU D 5 8.73 -16.38 21.31
N GLN D 6 8.84 -16.16 22.63
CA GLN D 6 7.73 -16.28 23.55
C GLN D 6 7.54 -14.91 24.18
N ASP D 7 6.27 -14.60 24.51
CA ASP D 7 5.91 -13.43 25.30
C ASP D 7 4.55 -13.73 25.90
N LYS D 8 4.08 -12.90 26.84
CA LYS D 8 2.85 -13.16 27.59
C LYS D 8 1.80 -12.07 27.41
N TYR D 9 2.23 -10.81 27.31
CA TYR D 9 1.30 -9.69 27.24
C TYR D 9 1.49 -8.98 25.91
N ARG D 10 0.46 -8.21 25.52
CA ARG D 10 0.55 -7.27 24.43
C ARG D 10 1.62 -6.25 24.76
N THR D 11 2.40 -5.85 23.75
CA THR D 11 3.20 -4.64 23.82
C THR D 11 2.25 -3.45 23.86
N ILE D 12 2.80 -2.30 24.26
CA ILE D 12 2.01 -1.08 24.31
C ILE D 12 1.73 -0.61 22.89
N THR D 13 2.75 -0.61 22.02
CA THR D 13 2.65 -0.08 20.66
C THR D 13 1.85 -0.97 19.72
N GLY D 14 1.68 -2.26 20.06
CA GLY D 14 1.10 -3.24 19.15
C GLY D 14 2.16 -3.97 18.33
N MET D 15 3.42 -3.54 18.46
CA MET D 15 4.54 -4.14 17.78
C MET D 15 4.56 -5.63 18.19
N CYS D 16 4.90 -6.50 17.24
CA CYS D 16 5.16 -7.90 17.46
C CYS D 16 3.89 -8.72 17.66
N ASN D 17 2.69 -8.15 17.57
CA ASN D 17 1.44 -8.92 17.60
C ASN D 17 1.46 -9.93 16.46
N ASN D 18 1.76 -9.45 15.24
CA ASN D 18 2.03 -10.28 14.08
C ASN D 18 3.54 -10.51 13.99
N ARG D 19 4.01 -11.72 14.22
CA ARG D 19 5.43 -12.02 14.24
C ARG D 19 6.06 -11.94 12.85
N ARG D 20 5.39 -12.36 11.77
CA ARG D 20 5.97 -12.32 10.43
C ARG D 20 6.06 -10.87 9.91
N SER D 21 5.12 -9.99 10.28
CA SER D 21 5.16 -8.59 9.85
C SER D 21 4.83 -7.69 11.05
N PRO D 22 5.81 -7.45 11.96
CA PRO D 22 5.55 -6.96 13.31
C PRO D 22 5.01 -5.55 13.51
N THR D 23 4.94 -4.68 12.47
CA THR D 23 4.34 -3.35 12.59
C THR D 23 2.83 -3.43 12.39
N LEU D 24 2.30 -4.59 11.97
CA LEU D 24 0.92 -4.66 11.52
C LEU D 24 0.00 -4.51 12.74
N GLY D 25 -0.79 -3.43 12.73
CA GLY D 25 -1.64 -3.08 13.86
C GLY D 25 -0.93 -2.25 14.93
N ALA D 26 0.37 -1.99 14.76
CA ALA D 26 1.12 -1.16 15.69
C ALA D 26 0.85 0.32 15.40
N SER D 27 1.05 1.16 16.40
CA SER D 27 0.79 2.60 16.36
C SER D 27 1.82 3.36 15.52
N ASN D 28 1.44 4.55 15.04
CA ASN D 28 2.27 5.43 14.21
C ASN D 28 2.74 4.72 12.93
N ARG D 29 1.78 4.07 12.24
CA ARG D 29 1.99 3.48 10.95
C ARG D 29 0.90 3.94 10.00
N ALA D 30 1.18 3.80 8.71
CA ALA D 30 0.23 4.17 7.69
C ALA D 30 -0.95 3.22 7.76
N PHE D 31 -2.13 3.76 7.46
CA PHE D 31 -3.32 2.99 7.19
C PHE D 31 -3.05 2.07 6.01
N VAL D 32 -3.72 0.93 5.99
CA VAL D 32 -3.82 0.14 4.81
C VAL D 32 -4.91 0.76 3.96
N ARG D 33 -4.75 0.63 2.63
CA ARG D 33 -5.74 1.06 1.65
C ARG D 33 -6.35 -0.19 1.04
N TRP D 34 -7.70 -0.24 1.05
CA TRP D 34 -8.47 -1.30 0.42
C TRP D 34 -8.73 -1.04 -1.06
N LEU D 35 -8.58 0.19 -1.52
CA LEU D 35 -8.64 0.58 -2.90
C LEU D 35 -7.50 1.54 -3.22
N PRO D 36 -7.18 1.74 -4.50
CA PRO D 36 -6.32 2.84 -4.89
C PRO D 36 -6.92 4.19 -4.55
N ALA D 37 -6.03 5.09 -4.15
CA ALA D 37 -6.40 6.43 -3.73
C ALA D 37 -6.83 7.27 -4.92
N GLU D 38 -7.76 8.19 -4.68
CA GLU D 38 -8.25 9.11 -5.70
C GLU D 38 -7.95 10.55 -5.27
N TYR D 39 -6.95 11.17 -5.89
CA TYR D 39 -6.54 12.54 -5.64
C TYR D 39 -6.66 13.31 -6.96
N GLU D 40 -6.83 14.62 -6.84
CA GLU D 40 -6.95 15.53 -7.98
C GLU D 40 -5.78 15.34 -8.94
N ASP D 41 -4.55 15.21 -8.39
CA ASP D 41 -3.33 15.16 -9.18
C ASP D 41 -2.82 13.71 -9.31
N GLY D 42 -3.60 12.71 -8.88
CA GLY D 42 -3.11 11.34 -8.96
C GLY D 42 -2.50 10.89 -7.64
N PHE D 43 -1.73 11.75 -6.95
CA PHE D 43 -0.91 11.28 -5.85
C PHE D 43 -1.01 12.10 -4.56
N SER D 44 -1.67 13.27 -4.50
CA SER D 44 -1.47 14.16 -3.35
C SER D 44 -2.62 15.13 -3.04
N LEU D 45 -3.12 15.84 -4.05
CA LEU D 45 -4.01 16.97 -3.84
C LEU D 45 -5.44 16.47 -3.73
N PRO D 46 -6.24 16.91 -2.73
CA PRO D 46 -7.61 16.45 -2.60
C PRO D 46 -8.50 17.03 -3.67
N TYR D 47 -9.57 16.32 -4.02
CA TYR D 47 -10.60 16.87 -4.88
C TYR D 47 -11.22 18.08 -4.20
N GLY D 48 -11.40 19.16 -4.97
CA GLY D 48 -11.82 20.45 -4.44
C GLY D 48 -10.67 21.38 -4.10
N TRP D 49 -9.41 20.96 -4.25
CA TRP D 49 -8.26 21.83 -4.05
C TRP D 49 -8.17 22.95 -5.09
N THR D 50 -8.18 22.58 -6.38
CA THR D 50 -7.90 23.49 -7.46
C THR D 50 -9.23 23.98 -8.01
N PRO D 51 -9.51 25.31 -8.01
CA PRO D 51 -10.77 25.80 -8.56
C PRO D 51 -10.95 25.39 -10.02
N GLY D 52 -12.14 24.83 -10.34
CA GLY D 52 -12.50 24.45 -11.69
C GLY D 52 -12.11 23.02 -12.08
N VAL D 53 -11.32 22.30 -11.26
CA VAL D 53 -10.95 20.93 -11.58
C VAL D 53 -12.07 19.97 -11.18
N LYS D 54 -12.61 19.26 -12.17
CA LYS D 54 -13.72 18.32 -11.96
C LYS D 54 -13.19 16.97 -11.47
N ARG D 55 -14.08 16.18 -10.84
CA ARG D 55 -13.81 14.82 -10.44
C ARG D 55 -14.58 13.93 -11.41
N ASN D 56 -13.86 13.19 -12.25
CA ASN D 56 -14.49 12.19 -13.09
C ASN D 56 -15.62 12.84 -13.89
N GLY D 57 -15.35 14.04 -14.45
CA GLY D 57 -16.26 14.70 -15.36
C GLY D 57 -17.34 15.57 -14.69
N PHE D 58 -17.24 15.81 -13.37
CA PHE D 58 -18.32 16.48 -12.68
C PHE D 58 -17.74 17.46 -11.69
N PRO D 59 -18.38 18.64 -11.48
CA PRO D 59 -17.87 19.58 -10.49
C PRO D 59 -17.84 18.96 -9.10
N VAL D 60 -16.81 19.31 -8.33
CA VAL D 60 -16.72 18.89 -6.94
C VAL D 60 -17.69 19.76 -6.12
N ALA D 61 -18.50 19.10 -5.27
CA ALA D 61 -19.50 19.79 -4.47
C ALA D 61 -18.86 20.20 -3.15
N LEU D 62 -19.06 21.45 -2.74
CA LEU D 62 -18.57 21.91 -1.46
C LEU D 62 -19.16 21.00 -0.38
N ALA D 63 -18.31 20.55 0.55
CA ALA D 63 -18.76 19.75 1.68
C ALA D 63 -19.88 20.43 2.45
N ARG D 64 -19.71 21.74 2.67
CA ARG D 64 -20.68 22.52 3.40
C ARG D 64 -22.00 22.64 2.62
N ALA D 65 -21.94 22.70 1.29
CA ALA D 65 -23.14 22.73 0.48
C ALA D 65 -23.89 21.41 0.62
N VAL D 66 -23.16 20.29 0.54
CA VAL D 66 -23.77 18.98 0.66
C VAL D 66 -24.46 18.90 2.03
N SER D 67 -23.76 19.32 3.09
CA SER D 67 -24.28 19.31 4.44
C SER D 67 -25.55 20.17 4.50
N ASN D 68 -25.53 21.36 3.91
CA ASN D 68 -26.68 22.25 3.91
C ASN D 68 -27.88 21.60 3.26
N GLU D 69 -27.71 20.99 2.07
CA GLU D 69 -28.87 20.56 1.30
C GLU D 69 -29.34 19.14 1.67
N ILE D 70 -28.50 18.32 2.32
CA ILE D 70 -28.78 16.89 2.48
C ILE D 70 -28.96 16.56 3.96
N VAL D 71 -28.06 17.10 4.81
CA VAL D 71 -27.85 16.69 6.19
C VAL D 71 -28.72 17.51 7.12
N ARG D 72 -28.78 18.83 6.88
CA ARG D 72 -29.55 19.74 7.69
C ARG D 72 -30.99 19.24 7.79
N PHE D 73 -31.54 19.36 9.01
CA PHE D 73 -32.97 19.15 9.19
C PHE D 73 -33.41 19.97 10.41
N PRO D 74 -34.72 20.25 10.55
CA PRO D 74 -35.18 20.97 11.73
C PRO D 74 -35.07 20.08 12.96
N THR D 75 -34.30 20.49 13.98
CA THR D 75 -33.97 19.57 15.08
C THR D 75 -35.21 19.31 15.96
N ASP D 76 -36.28 20.11 15.81
CA ASP D 76 -37.61 19.79 16.30
C ASP D 76 -38.22 18.51 15.71
N GLN D 77 -37.75 18.04 14.54
CA GLN D 77 -38.23 16.81 13.90
C GLN D 77 -37.52 15.56 14.42
N LEU D 78 -36.61 15.69 15.39
CA LEU D 78 -35.70 14.62 15.76
C LEU D 78 -36.47 13.34 16.07
N THR D 79 -36.04 12.19 15.56
CA THR D 79 -36.73 10.94 15.85
C THR D 79 -35.90 10.16 16.86
N PRO D 80 -36.34 9.94 18.13
CA PRO D 80 -35.65 9.01 19.00
C PRO D 80 -35.75 7.54 18.57
N ASP D 81 -34.67 6.79 18.84
CA ASP D 81 -34.59 5.38 18.50
C ASP D 81 -35.19 4.54 19.62
N GLN D 82 -36.31 3.87 19.34
CA GLN D 82 -36.95 3.04 20.37
C GLN D 82 -36.06 1.90 20.87
N GLU D 83 -35.15 1.38 20.03
CA GLU D 83 -34.38 0.19 20.34
C GLU D 83 -32.90 0.45 20.59
N ARG D 84 -32.48 1.71 20.79
CA ARG D 84 -31.07 1.99 21.06
C ARG D 84 -30.94 3.07 22.11
N SER D 85 -30.07 2.80 23.11
CA SER D 85 -29.75 3.76 24.15
C SER D 85 -28.72 4.74 23.62
N LEU D 86 -28.53 5.84 24.33
CA LEU D 86 -27.50 6.78 23.94
C LEU D 86 -26.11 6.20 24.20
N MET D 87 -26.03 5.26 25.16
CA MET D 87 -24.86 4.47 25.45
C MET D 87 -24.37 3.73 24.20
N PHE D 88 -25.31 3.36 23.31
CA PHE D 88 -25.00 2.80 22.02
C PHE D 88 -24.16 3.71 21.15
N MET D 89 -24.46 5.02 21.11
CA MET D 89 -23.57 5.90 20.37
C MET D 89 -22.26 6.03 21.14
N GLN D 90 -22.32 6.16 22.47
CA GLN D 90 -21.11 6.47 23.21
C GLN D 90 -20.08 5.33 23.14
N TRP D 91 -20.53 4.06 23.15
CA TRP D 91 -19.61 2.96 23.02
C TRP D 91 -18.92 2.99 21.65
N GLY D 92 -19.64 3.46 20.63
CA GLY D 92 -19.05 3.62 19.31
C GLY D 92 -17.85 4.56 19.34
N GLN D 93 -18.02 5.73 19.96
CA GLN D 93 -16.96 6.73 20.01
C GLN D 93 -15.78 6.23 20.85
N LEU D 94 -16.05 5.61 22.01
CA LEU D 94 -15.00 5.09 22.87
C LEU D 94 -14.24 4.00 22.12
N LEU D 95 -14.95 3.08 21.45
CA LEU D 95 -14.37 2.03 20.62
C LEU D 95 -13.53 2.63 19.49
N ASP D 96 -14.08 3.64 18.80
CA ASP D 96 -13.35 4.33 17.74
C ASP D 96 -11.99 4.78 18.26
N HIS D 97 -11.94 5.23 19.52
CA HIS D 97 -10.75 5.77 20.14
C HIS D 97 -9.79 4.66 20.59
N ASP D 98 -10.20 3.39 20.54
CA ASP D 98 -9.29 2.25 20.66
C ASP D 98 -8.65 1.89 19.31
N LEU D 99 -9.24 2.31 18.18
CA LEU D 99 -8.91 1.84 16.85
C LEU D 99 -8.08 2.85 16.07
N ASP D 100 -8.55 4.10 15.95
CA ASP D 100 -7.91 5.04 15.06
C ASP D 100 -7.94 6.47 15.62
N PHE D 101 -6.77 7.12 15.59
CA PHE D 101 -6.62 8.57 15.65
C PHE D 101 -5.71 8.98 14.50
N THR D 102 -6.17 9.91 13.65
CA THR D 102 -5.39 10.39 12.53
C THR D 102 -4.75 11.72 12.89
N PRO D 103 -3.41 11.83 13.10
CA PRO D 103 -2.78 13.11 13.42
C PRO D 103 -2.84 14.16 12.32
N GLU D 104 -2.85 15.42 12.74
CA GLU D 104 -2.78 16.59 11.90
C GLU D 104 -1.59 17.42 12.38
N PRO D 105 -1.10 18.40 11.59
CA PRO D 105 -0.25 19.44 12.18
C PRO D 105 -1.02 20.33 13.14
N ALA D 106 -0.35 20.84 14.18
CA ALA D 106 -0.87 21.95 15.00
C ALA D 106 -0.57 23.32 14.38
N ALA D 107 -0.98 24.39 15.09
CA ALA D 107 -0.58 25.78 14.92
C ALA D 107 0.71 25.97 14.10
N ASN E 2 31.21 2.44 -3.76
CA ASN E 2 30.92 1.73 -2.49
C ASN E 2 30.54 0.30 -2.89
N CYS E 3 29.27 0.00 -3.22
CA CYS E 3 28.78 -1.37 -3.20
C CYS E 3 29.40 -2.25 -4.31
N GLU E 4 29.89 -1.64 -5.39
CA GLU E 4 30.56 -2.36 -6.48
C GLU E 4 31.89 -2.98 -6.06
N THR E 5 32.68 -2.28 -5.21
CA THR E 5 33.98 -2.76 -4.77
C THR E 5 34.08 -3.08 -3.29
N SER E 6 33.16 -2.62 -2.45
CA SER E 6 33.25 -2.85 -1.01
C SER E 6 32.44 -4.09 -0.64
N CYS E 7 32.95 -4.84 0.33
CA CYS E 7 32.23 -5.93 0.97
C CYS E 7 31.70 -5.50 2.34
N VAL E 8 31.84 -4.21 2.72
CA VAL E 8 31.26 -3.72 3.97
C VAL E 8 29.74 -3.56 3.81
N GLN E 9 28.98 -4.01 4.82
CA GLN E 9 27.53 -3.90 4.81
C GLN E 9 27.14 -2.56 5.43
N GLN E 10 26.99 -1.55 4.60
CA GLN E 10 26.61 -0.22 5.03
C GLN E 10 25.54 0.25 4.05
N PRO E 11 24.47 0.95 4.47
CA PRO E 11 23.46 1.38 3.51
C PRO E 11 24.04 2.16 2.33
N PRO E 12 23.63 1.95 1.03
CA PRO E 12 22.57 1.03 0.61
C PRO E 12 23.07 -0.34 0.15
N CYS E 13 24.21 -0.81 0.67
CA CYS E 13 24.84 -2.03 0.18
C CYS E 13 24.41 -3.22 1.03
N PHE E 14 24.09 -4.34 0.35
CA PHE E 14 23.70 -5.59 0.99
C PHE E 14 24.44 -6.74 0.31
N PRO E 15 25.80 -6.75 0.36
CA PRO E 15 26.58 -7.76 -0.36
C PRO E 15 26.24 -9.18 0.05
N LEU E 16 26.29 -10.11 -0.91
CA LEU E 16 26.09 -11.52 -0.61
C LEU E 16 27.40 -12.10 -0.08
N LYS E 17 27.39 -12.55 1.16
CA LYS E 17 28.53 -13.23 1.74
C LYS E 17 28.71 -14.60 1.09
N ILE E 18 29.93 -15.11 1.25
CA ILE E 18 30.42 -16.28 0.56
C ILE E 18 30.45 -17.40 1.59
N PRO E 19 29.87 -18.59 1.31
CA PRO E 19 29.93 -19.69 2.27
C PRO E 19 31.33 -20.30 2.33
N PRO E 20 31.68 -21.05 3.40
CA PRO E 20 32.86 -21.90 3.36
C PRO E 20 32.76 -22.97 2.27
N ASN E 21 33.91 -23.26 1.64
CA ASN E 21 34.01 -24.29 0.61
C ASN E 21 33.08 -23.96 -0.56
N ASP E 22 33.07 -22.68 -0.97
CA ASP E 22 32.42 -22.28 -2.20
C ASP E 22 33.17 -22.92 -3.35
N PRO E 23 32.49 -23.47 -4.39
CA PRO E 23 33.20 -24.08 -5.52
C PRO E 23 33.96 -23.10 -6.41
N ARG E 24 33.68 -21.78 -6.36
CA ARG E 24 34.31 -20.81 -7.23
C ARG E 24 35.08 -19.75 -6.43
N ILE E 25 34.39 -19.14 -5.45
CA ILE E 25 34.93 -18.01 -4.71
C ILE E 25 35.58 -18.61 -3.47
N LYS E 26 36.88 -18.86 -3.59
CA LYS E 26 37.68 -19.51 -2.57
C LYS E 26 37.90 -18.55 -1.40
N ASN E 27 37.96 -17.23 -1.71
CA ASN E 27 38.18 -16.18 -0.72
C ASN E 27 36.90 -15.83 0.04
N GLN E 28 36.81 -16.27 1.30
CA GLN E 28 35.62 -16.00 2.10
C GLN E 28 35.46 -14.54 2.50
N ALA E 29 36.55 -13.75 2.47
CA ALA E 29 36.48 -12.32 2.73
C ALA E 29 35.87 -11.51 1.59
N ASP E 30 35.73 -12.12 0.40
CA ASP E 30 35.16 -11.48 -0.77
C ASP E 30 33.64 -11.54 -0.62
N CYS E 31 32.94 -10.99 -1.60
CA CYS E 31 31.48 -10.99 -1.59
C CYS E 31 30.99 -10.81 -3.01
N ILE E 32 29.71 -11.08 -3.23
CA ILE E 32 29.02 -10.73 -4.47
C ILE E 32 28.37 -9.35 -4.24
N PRO E 33 28.67 -8.35 -5.08
CA PRO E 33 28.10 -7.02 -4.94
C PRO E 33 26.59 -6.96 -5.02
N PHE E 34 25.98 -6.10 -4.19
CA PHE E 34 24.55 -5.89 -4.27
C PHE E 34 24.18 -4.52 -3.68
N PHE E 35 23.51 -3.69 -4.50
CA PHE E 35 22.88 -2.46 -4.10
C PHE E 35 21.39 -2.75 -3.87
N ARG E 36 20.87 -2.39 -2.70
CA ARG E 36 19.45 -2.44 -2.37
C ARG E 36 18.68 -1.51 -3.29
N SER E 37 17.51 -1.96 -3.71
CA SER E 37 16.67 -1.18 -4.60
C SER E 37 16.22 0.10 -3.90
N PRO E 39 14.30 2.95 -2.22
CA PRO E 39 13.03 3.02 -1.53
C PRO E 39 12.11 4.10 -2.11
N ALA E 40 10.81 3.84 -2.07
CA ALA E 40 9.80 4.82 -2.47
C ALA E 40 9.83 6.06 -1.58
N CYS E 41 10.06 5.85 -0.26
CA CYS E 41 10.11 6.91 0.73
C CYS E 41 11.48 6.88 1.42
N PRO E 42 12.54 7.47 0.83
CA PRO E 42 13.88 7.36 1.38
C PRO E 42 14.04 8.04 2.73
N GLY E 43 14.71 7.32 3.65
CA GLY E 43 14.99 7.84 4.98
C GLY E 43 13.89 7.63 6.01
N SER E 44 12.69 7.15 5.64
CA SER E 44 11.54 7.11 6.55
C SER E 44 11.65 5.99 7.59
N ASN E 45 11.36 6.37 8.84
CA ASN E 45 11.11 5.49 9.97
C ASN E 45 9.67 5.00 10.05
N ILE E 46 8.71 5.70 9.40
CA ILE E 46 7.30 5.43 9.55
C ILE E 46 6.86 4.38 8.52
N THR E 47 7.23 4.57 7.25
CA THR E 47 6.68 3.77 6.16
C THR E 47 7.34 2.41 6.13
N ILE E 48 6.62 1.46 5.58
CA ILE E 48 7.18 0.15 5.28
C ILE E 48 7.79 0.25 3.89
N ARG E 49 9.07 -0.09 3.86
CA ARG E 49 9.91 0.14 2.71
C ARG E 49 9.33 -0.64 1.53
N ASN E 50 9.42 0.00 0.36
CA ASN E 50 8.84 -0.50 -0.87
C ASN E 50 9.64 0.07 -2.02
N GLN E 51 9.61 -0.64 -3.15
CA GLN E 51 10.44 -0.31 -4.29
C GLN E 51 9.58 0.33 -5.37
N ILE E 52 10.27 0.78 -6.41
CA ILE E 52 9.74 1.59 -7.46
C ILE E 52 9.85 0.80 -8.76
N ASN E 53 8.82 0.94 -9.60
CA ASN E 53 8.88 0.50 -10.98
C ASN E 53 9.13 1.73 -11.82
N ALA E 54 10.26 1.72 -12.58
CA ALA E 54 10.61 2.85 -13.42
C ALA E 54 9.86 2.86 -14.76
N LEU E 55 9.08 1.81 -15.07
CA LEU E 55 8.46 1.62 -16.37
C LEU E 55 6.94 1.61 -16.22
N THR E 56 6.22 1.75 -17.35
CA THR E 56 4.80 1.58 -17.38
C THR E 56 4.53 0.08 -17.23
N SER E 57 3.63 -0.30 -16.31
CA SER E 57 3.26 -1.68 -16.09
C SER E 57 2.57 -2.26 -17.31
N PHE E 58 1.94 -1.42 -18.13
CA PHE E 58 1.11 -1.89 -19.24
C PHE E 58 1.97 -2.56 -20.30
N VAL E 59 1.35 -3.47 -21.05
CA VAL E 59 1.95 -4.10 -22.22
C VAL E 59 1.73 -3.17 -23.39
N ASP E 60 2.63 -2.19 -23.52
CA ASP E 60 2.49 -1.02 -24.39
C ASP E 60 3.76 -0.79 -25.20
N ALA E 61 4.65 -1.80 -25.23
CA ALA E 61 5.94 -1.70 -25.89
C ALA E 61 6.77 -0.53 -25.38
N SER E 62 6.75 -0.28 -24.07
CA SER E 62 7.52 0.79 -23.48
C SER E 62 9.03 0.51 -23.53
N MET E 63 9.42 -0.77 -23.75
CA MET E 63 10.82 -1.09 -24.00
C MET E 63 11.28 -0.62 -25.37
N VAL E 64 10.35 -0.27 -26.27
CA VAL E 64 10.65 0.35 -27.56
C VAL E 64 10.60 1.88 -27.46
N TYR E 65 9.53 2.40 -26.84
CA TYR E 65 9.17 3.81 -26.93
C TYR E 65 9.73 4.59 -25.76
N GLY E 66 10.05 3.92 -24.63
CA GLY E 66 10.41 4.58 -23.39
C GLY E 66 9.20 4.80 -22.47
N SER E 67 9.49 5.01 -21.17
CA SER E 67 8.51 5.23 -20.14
C SER E 67 8.53 6.67 -19.59
N GLU E 68 9.41 7.56 -20.10
CA GLU E 68 9.48 8.95 -19.69
C GLU E 68 9.51 9.82 -20.95
N GLU E 69 8.95 11.04 -20.88
CA GLU E 69 8.74 11.90 -22.05
C GLU E 69 10.04 12.31 -22.73
N PRO E 70 11.12 12.69 -22.00
CA PRO E 70 12.38 13.08 -22.63
C PRO E 70 13.06 11.96 -23.40
N LEU E 71 13.18 10.76 -22.79
CA LEU E 71 13.64 9.58 -23.48
C LEU E 71 12.78 9.29 -24.71
N ALA E 72 11.45 9.41 -24.59
CA ALA E 72 10.60 9.06 -25.70
C ALA E 72 10.88 9.95 -26.92
N ARG E 73 11.21 11.24 -26.70
CA ARG E 73 11.50 12.11 -27.82
C ARG E 73 12.91 11.89 -28.34
N ASN E 74 13.89 11.56 -27.49
CA ASN E 74 15.24 11.22 -27.91
C ASN E 74 15.31 9.96 -28.77
N LEU E 75 14.37 9.03 -28.59
CA LEU E 75 14.32 7.81 -29.38
C LEU E 75 13.71 8.05 -30.77
N ARG E 76 13.08 9.21 -31.00
CA ARG E 76 12.43 9.53 -32.26
C ARG E 76 13.37 10.26 -33.22
N ASN E 77 13.12 10.05 -34.52
CA ASN E 77 13.75 10.77 -35.60
C ASN E 77 12.99 12.09 -35.79
N MET E 78 13.62 13.19 -35.37
CA MET E 78 12.99 14.50 -35.33
C MET E 78 13.45 15.36 -36.49
N SER E 79 14.23 14.82 -37.43
CA SER E 79 14.69 15.56 -38.59
C SER E 79 13.65 15.61 -39.72
N ASN E 80 12.51 14.92 -39.59
CA ASN E 80 11.46 14.96 -40.62
C ASN E 80 10.11 14.67 -39.96
N GLN E 81 9.02 14.62 -40.75
CA GLN E 81 7.68 14.31 -40.29
C GLN E 81 7.25 12.88 -40.64
N LEU E 82 8.16 11.91 -40.72
CA LEU E 82 7.81 10.56 -41.18
C LEU E 82 7.37 9.67 -40.03
N GLY E 83 7.52 10.15 -38.77
CA GLY E 83 7.00 9.46 -37.60
C GLY E 83 7.89 8.29 -37.19
N LEU E 84 9.21 8.40 -37.46
CA LEU E 84 10.13 7.28 -37.34
C LEU E 84 10.84 7.30 -35.99
N LEU E 85 11.31 6.13 -35.56
CA LEU E 85 12.30 6.00 -34.50
C LEU E 85 13.68 6.26 -35.07
N ALA E 86 14.53 6.88 -34.25
CA ALA E 86 15.92 7.15 -34.58
C ALA E 86 16.70 5.85 -34.70
N VAL E 87 17.68 5.85 -35.60
CA VAL E 87 18.44 4.69 -35.98
C VAL E 87 19.92 5.11 -35.93
N ASN E 88 20.78 4.11 -35.81
CA ASN E 88 22.21 4.27 -35.82
C ASN E 88 22.60 5.02 -37.09
N GLN E 89 23.51 6.00 -36.95
CA GLN E 89 23.95 6.86 -38.03
C GLN E 89 25.30 6.42 -38.59
N ARG E 90 26.00 5.47 -37.93
CA ARG E 90 27.32 4.99 -38.32
C ARG E 90 27.28 3.56 -38.83
N PHE E 91 26.35 2.73 -38.35
CA PHE E 91 26.31 1.33 -38.73
C PHE E 91 24.92 0.92 -39.20
N GLN E 92 24.94 -0.04 -40.12
CA GLN E 92 23.78 -0.76 -40.60
C GLN E 92 24.10 -2.25 -40.58
N ASP E 93 23.05 -3.06 -40.78
CA ASP E 93 23.11 -4.50 -40.74
C ASP E 93 22.62 -4.99 -42.11
N ASN E 94 23.57 -5.17 -43.04
CA ASN E 94 23.29 -5.49 -44.43
C ASN E 94 22.16 -4.59 -44.93
N GLY E 95 22.32 -3.28 -44.75
CA GLY E 95 21.37 -2.30 -45.27
C GLY E 95 20.25 -1.91 -44.31
N ARG E 96 20.07 -2.63 -43.20
CA ARG E 96 18.95 -2.35 -42.30
C ARG E 96 19.40 -1.58 -41.05
N ALA E 97 18.41 -0.96 -40.38
CA ALA E 97 18.63 -0.15 -39.20
C ALA E 97 19.17 -0.99 -38.06
N LEU E 98 20.18 -0.44 -37.38
CA LEU E 98 20.49 -0.80 -36.00
C LEU E 98 19.97 0.28 -35.05
N LEU E 99 19.86 -0.05 -33.77
CA LEU E 99 19.51 0.89 -32.72
C LEU E 99 20.57 1.98 -32.66
N PRO E 100 20.19 3.22 -32.28
CA PRO E 100 21.19 4.25 -32.01
C PRO E 100 22.05 3.87 -30.81
N PHE E 101 23.19 4.51 -30.69
CA PHE E 101 24.09 4.32 -29.58
C PHE E 101 23.70 5.27 -28.48
N ASP E 102 23.82 4.76 -27.24
CA ASP E 102 23.61 5.52 -26.04
C ASP E 102 24.95 6.14 -25.61
N ASN E 103 24.82 7.20 -24.79
CA ASN E 103 25.94 7.93 -24.22
C ASN E 103 25.93 7.77 -22.70
N LEU E 104 26.56 6.71 -22.19
CA LEU E 104 26.63 6.44 -20.77
C LEU E 104 27.94 6.97 -20.19
N HIS E 105 27.89 7.49 -18.95
CA HIS E 105 29.09 7.87 -18.23
C HIS E 105 29.99 6.66 -18.00
N ASP E 106 29.43 5.53 -17.57
CA ASP E 106 30.19 4.29 -17.44
C ASP E 106 29.52 3.23 -18.30
N ASP E 107 30.12 3.01 -19.48
CA ASP E 107 29.51 2.18 -20.50
C ASP E 107 30.08 0.76 -20.34
N PRO E 108 29.30 -0.26 -19.89
CA PRO E 108 29.83 -1.61 -19.77
C PRO E 108 30.18 -2.29 -21.10
N CYS E 109 29.47 -1.92 -22.16
CA CYS E 109 29.61 -2.55 -23.45
C CYS E 109 31.00 -2.33 -24.06
N LEU E 110 31.56 -1.14 -23.85
CA LEU E 110 32.92 -0.81 -24.25
C LEU E 110 33.96 -1.78 -23.65
N LEU E 111 33.66 -2.38 -22.48
CA LEU E 111 34.62 -3.21 -21.77
C LEU E 111 34.63 -4.65 -22.29
N THR E 112 33.71 -5.04 -23.19
CA THR E 112 33.60 -6.42 -23.62
C THR E 112 34.67 -6.69 -24.67
N ASN E 113 34.69 -5.94 -25.77
CA ASN E 113 35.81 -5.95 -26.70
C ASN E 113 36.38 -4.54 -26.77
N ARG E 114 37.57 -4.36 -26.20
CA ARG E 114 38.18 -3.04 -26.02
C ARG E 114 38.60 -2.46 -27.38
N SER E 115 39.22 -3.26 -28.25
CA SER E 115 39.64 -2.76 -29.56
C SER E 115 38.44 -2.26 -30.38
N ALA E 116 37.24 -2.84 -30.16
CA ALA E 116 36.09 -2.61 -31.03
C ALA E 116 35.43 -1.25 -30.79
N ARG E 117 35.38 -0.81 -29.53
CA ARG E 117 34.87 0.50 -29.14
C ARG E 117 33.44 0.74 -29.64
N ILE E 118 32.56 -0.23 -29.33
CA ILE E 118 31.15 -0.18 -29.67
C ILE E 118 30.37 -0.01 -28.37
N PRO E 119 29.71 1.16 -28.15
CA PRO E 119 29.03 1.40 -26.89
C PRO E 119 27.68 0.70 -26.88
N CYS E 120 26.99 0.75 -25.74
CA CYS E 120 25.65 0.19 -25.61
C CYS E 120 24.63 0.94 -26.45
N PHE E 121 23.56 0.23 -26.80
CA PHE E 121 22.50 0.81 -27.60
C PHE E 121 21.56 1.63 -26.71
N LEU E 122 20.86 2.57 -27.36
CA LEU E 122 19.81 3.39 -26.80
C LEU E 122 18.48 2.77 -27.20
N ALA E 123 17.62 2.54 -26.20
CA ALA E 123 16.31 1.94 -26.43
C ALA E 123 15.32 2.45 -25.39
N GLY E 124 14.06 1.97 -25.45
CA GLY E 124 13.02 2.36 -24.51
C GLY E 124 13.35 1.94 -23.08
N ASP E 125 14.10 0.86 -22.95
CA ASP E 125 14.57 0.34 -21.67
C ASP E 125 16.09 0.31 -21.68
N THR E 126 16.71 0.49 -20.49
CA THR E 126 18.15 0.64 -20.34
C THR E 126 18.92 -0.68 -20.51
N ARG E 127 18.26 -1.83 -20.61
CA ARG E 127 18.97 -3.11 -20.55
C ARG E 127 19.15 -3.75 -21.93
N SER E 128 18.86 -3.01 -23.01
CA SER E 128 18.74 -3.56 -24.35
C SER E 128 20.02 -4.24 -24.84
N SER E 129 21.18 -3.84 -24.32
CA SER E 129 22.46 -4.43 -24.69
C SER E 129 22.84 -5.66 -23.87
N GLU E 130 22.01 -6.14 -22.93
CA GLU E 130 22.51 -7.05 -21.91
C GLU E 130 22.89 -8.42 -22.49
N MET E 131 22.15 -8.86 -23.52
CA MET E 131 22.44 -10.05 -24.32
C MET E 131 22.25 -9.59 -25.75
N PRO E 132 23.06 -9.97 -26.77
CA PRO E 132 22.74 -9.63 -28.16
C PRO E 132 21.40 -10.19 -28.68
N GLU E 133 20.93 -11.28 -28.07
CA GLU E 133 19.63 -11.86 -28.42
C GLU E 133 18.51 -10.86 -28.07
N LEU E 134 18.60 -10.26 -26.88
CA LEU E 134 17.73 -9.18 -26.47
C LEU E 134 17.81 -8.01 -27.45
N THR E 135 19.02 -7.55 -27.74
CA THR E 135 19.29 -6.45 -28.67
C THR E 135 18.62 -6.70 -30.02
N SER E 136 18.73 -7.95 -30.50
CA SER E 136 18.15 -8.33 -31.76
C SER E 136 16.63 -8.12 -31.75
N MET E 137 15.95 -8.50 -30.66
CA MET E 137 14.52 -8.31 -30.53
C MET E 137 14.18 -6.83 -30.45
N HIS E 138 14.93 -6.01 -29.69
CA HIS E 138 14.75 -4.57 -29.72
C HIS E 138 14.88 -4.02 -31.13
N THR E 139 15.93 -4.45 -31.86
CA THR E 139 16.18 -3.99 -33.22
C THR E 139 15.05 -4.40 -34.14
N LEU E 140 14.58 -5.64 -34.01
CA LEU E 140 13.44 -6.10 -34.79
C LEU E 140 12.25 -5.13 -34.66
N LEU E 141 11.88 -4.77 -33.43
CA LEU E 141 10.72 -3.92 -33.18
C LEU E 141 10.91 -2.48 -33.62
N LEU E 142 12.10 -1.92 -33.46
CA LEU E 142 12.48 -0.64 -34.06
C LEU E 142 12.14 -0.65 -35.54
N ARG E 143 12.67 -1.67 -36.25
CA ARG E 143 12.44 -1.77 -37.68
C ARG E 143 10.95 -1.84 -38.01
N GLU E 144 10.19 -2.61 -37.22
CA GLU E 144 8.78 -2.84 -37.47
C GLU E 144 8.00 -1.55 -37.31
N HIS E 145 8.36 -0.72 -36.34
CA HIS E 145 7.80 0.62 -36.20
C HIS E 145 8.01 1.42 -37.48
N ASN E 146 9.27 1.53 -37.94
CA ASN E 146 9.60 2.33 -39.10
C ASN E 146 8.91 1.81 -40.36
N ARG E 147 8.83 0.48 -40.48
CA ARG E 147 8.10 -0.15 -41.56
C ARG E 147 6.63 0.28 -41.58
N LEU E 148 5.99 0.25 -40.42
CA LEU E 148 4.57 0.56 -40.30
C LEU E 148 4.35 2.05 -40.55
N ALA E 149 5.21 2.89 -39.97
CA ALA E 149 5.14 4.33 -40.19
C ALA E 149 5.28 4.67 -41.67
N THR E 150 6.19 3.97 -42.37
CA THR E 150 6.45 4.14 -43.78
C THR E 150 5.19 3.83 -44.56
N GLU E 151 4.59 2.68 -44.24
CA GLU E 151 3.46 2.15 -44.99
C GLU E 151 2.23 3.04 -44.79
N LEU E 152 2.04 3.53 -43.56
CA LEU E 152 0.96 4.43 -43.21
C LEU E 152 1.11 5.80 -43.87
N LYS E 153 2.35 6.31 -43.98
CA LYS E 153 2.65 7.54 -44.70
C LYS E 153 2.16 7.40 -46.12
N SER E 154 2.55 6.30 -46.78
CA SER E 154 2.10 6.02 -48.14
C SER E 154 0.57 5.95 -48.21
N LEU E 155 -0.06 5.35 -47.19
CA LEU E 155 -1.52 5.20 -47.16
C LEU E 155 -2.21 6.55 -46.86
N ASN E 156 -1.65 7.37 -45.97
CA ASN E 156 -2.25 8.63 -45.50
C ASN E 156 -1.23 9.76 -45.62
N PRO E 157 -1.01 10.31 -46.83
CA PRO E 157 0.03 11.32 -47.00
C PRO E 157 -0.14 12.58 -46.17
N ARG E 158 -1.39 12.94 -45.80
CA ARG E 158 -1.61 14.14 -45.02
C ARG E 158 -1.21 13.98 -43.56
N TRP E 159 -1.11 12.75 -43.04
CA TRP E 159 -0.68 12.50 -41.66
C TRP E 159 0.69 13.10 -41.36
N ASP E 160 0.80 13.85 -40.24
CA ASP E 160 2.05 14.44 -39.80
C ASP E 160 2.87 13.42 -39.01
N GLY E 161 4.09 13.79 -38.62
CA GLY E 161 5.01 12.93 -37.88
C GLY E 161 4.45 12.40 -36.56
N GLU E 162 3.78 13.27 -35.80
CA GLU E 162 3.15 12.91 -34.54
C GLU E 162 2.10 11.82 -34.76
N ARG E 163 1.24 11.98 -35.76
CA ARG E 163 0.16 11.03 -36.03
C ARG E 163 0.71 9.68 -36.48
N LEU E 164 1.71 9.72 -37.37
CA LEU E 164 2.36 8.52 -37.86
C LEU E 164 3.02 7.73 -36.73
N TYR E 165 3.80 8.40 -35.87
CA TYR E 165 4.49 7.76 -34.75
C TYR E 165 3.49 7.09 -33.81
N GLN E 166 2.42 7.81 -33.45
CA GLN E 166 1.43 7.29 -32.51
C GLN E 166 0.69 6.07 -33.07
N GLU E 167 0.37 6.10 -34.37
CA GLU E 167 -0.41 5.06 -35.02
C GLU E 167 0.44 3.79 -35.17
N ALA E 168 1.68 3.97 -35.61
CA ALA E 168 2.67 2.90 -35.60
C ALA E 168 2.88 2.33 -34.19
N ARG E 169 3.04 3.23 -33.21
CA ARG E 169 3.26 2.85 -31.81
C ARG E 169 2.14 2.00 -31.26
N LYS E 170 0.91 2.41 -31.56
CA LYS E 170 -0.30 1.71 -31.15
C LYS E 170 -0.37 0.31 -31.79
N ILE E 171 0.12 0.19 -33.03
CA ILE E 171 0.14 -1.10 -33.72
C ILE E 171 1.18 -2.00 -33.06
N VAL E 172 2.38 -1.49 -32.81
CA VAL E 172 3.44 -2.27 -32.19
C VAL E 172 2.99 -2.76 -30.80
N GLY E 173 2.33 -1.86 -30.06
CA GLY E 173 1.77 -2.20 -28.77
C GLY E 173 0.84 -3.39 -28.86
N ALA E 174 -0.06 -3.36 -29.84
CA ALA E 174 -1.03 -4.43 -30.06
C ALA E 174 -0.32 -5.73 -30.43
N MET E 175 0.76 -5.65 -31.21
CA MET E 175 1.46 -6.84 -31.65
C MET E 175 2.15 -7.51 -30.46
N VAL E 176 2.71 -6.70 -29.56
CA VAL E 176 3.33 -7.21 -28.34
C VAL E 176 2.25 -7.86 -27.47
N GLN E 177 1.06 -7.29 -27.39
CA GLN E 177 -0.02 -7.83 -26.59
C GLN E 177 -0.53 -9.14 -27.15
N ILE E 178 -0.70 -9.21 -28.47
CA ILE E 178 -1.17 -10.42 -29.13
C ILE E 178 -0.15 -11.55 -28.96
N ILE E 179 1.11 -11.31 -29.31
CA ILE E 179 2.10 -12.37 -29.21
C ILE E 179 2.17 -12.85 -27.77
N THR E 180 2.07 -11.93 -26.80
CA THR E 180 2.18 -12.23 -25.39
C THR E 180 1.06 -13.16 -24.95
N TYR E 181 -0.19 -12.79 -25.23
CA TYR E 181 -1.35 -13.45 -24.64
C TYR E 181 -1.84 -14.63 -25.49
N ARG E 182 -1.68 -14.55 -26.82
CA ARG E 182 -2.07 -15.63 -27.73
C ARG E 182 -1.01 -16.72 -27.81
N ASP E 183 0.28 -16.37 -27.88
CA ASP E 183 1.35 -17.32 -28.24
C ASP E 183 2.22 -17.66 -27.02
N TYR E 184 2.65 -16.65 -26.26
CA TYR E 184 3.65 -16.82 -25.21
C TYR E 184 3.05 -17.41 -23.93
N LEU E 185 2.06 -16.72 -23.35
CA LEU E 185 1.58 -17.05 -22.00
C LEU E 185 0.96 -18.44 -21.94
N PRO E 186 0.25 -18.94 -22.95
CA PRO E 186 -0.25 -20.31 -22.89
C PRO E 186 0.83 -21.37 -22.70
N LEU E 187 2.03 -21.15 -23.28
CA LEU E 187 3.18 -22.03 -23.15
C LEU E 187 3.95 -21.82 -21.83
N VAL E 188 3.68 -20.72 -21.12
CA VAL E 188 4.19 -20.53 -19.77
C VAL E 188 3.28 -21.24 -18.77
N LEU E 189 2.00 -20.91 -18.81
CA LEU E 189 1.03 -21.34 -17.80
C LEU E 189 0.55 -22.78 -18.03
N GLY E 190 0.43 -23.18 -19.31
CA GLY E 190 -0.27 -24.39 -19.69
C GLY E 190 -1.78 -24.16 -19.70
N PRO E 191 -2.56 -25.01 -20.38
CA PRO E 191 -3.96 -24.70 -20.65
C PRO E 191 -4.83 -24.54 -19.41
N THR E 192 -4.60 -25.35 -18.37
CA THR E 192 -5.45 -25.35 -17.18
C THR E 192 -5.38 -24.00 -16.46
N ALA E 193 -4.15 -23.57 -16.16
CA ALA E 193 -3.86 -22.29 -15.54
C ALA E 193 -4.23 -21.11 -16.44
N MET E 194 -4.04 -21.23 -17.75
CA MET E 194 -4.43 -20.18 -18.69
C MET E 194 -5.94 -19.94 -18.65
N ARG E 195 -6.75 -21.02 -18.69
CA ARG E 195 -8.19 -20.94 -18.52
C ARG E 195 -8.57 -20.35 -17.17
N LYS E 196 -7.83 -20.73 -16.13
CA LYS E 196 -8.12 -20.31 -14.77
C LYS E 196 -7.79 -18.83 -14.60
N TYR E 197 -6.59 -18.38 -15.00
CA TYR E 197 -6.13 -17.04 -14.69
C TYR E 197 -6.41 -16.05 -15.80
N LEU E 198 -6.56 -16.52 -17.04
CA LEU E 198 -6.82 -15.64 -18.19
C LEU E 198 -8.03 -16.17 -18.94
N PRO E 199 -9.24 -16.13 -18.32
CA PRO E 199 -10.46 -16.40 -19.03
C PRO E 199 -10.70 -15.35 -20.10
N THR E 200 -11.57 -15.68 -21.05
CA THR E 200 -11.89 -14.87 -22.21
C THR E 200 -12.15 -13.42 -21.78
N TYR E 201 -11.45 -12.48 -22.47
CA TYR E 201 -11.62 -11.05 -22.30
C TYR E 201 -13.08 -10.66 -22.50
N ARG E 202 -13.67 -9.93 -21.55
CA ARG E 202 -14.97 -9.31 -21.70
C ARG E 202 -14.79 -7.86 -22.15
N SER E 203 -14.26 -7.02 -21.27
CA SER E 203 -14.16 -5.58 -21.51
C SER E 203 -13.23 -4.93 -20.49
N TYR E 204 -12.80 -3.70 -20.78
CA TYR E 204 -11.99 -2.89 -19.86
C TYR E 204 -12.74 -2.68 -18.54
N ASN E 205 -12.05 -2.90 -17.42
CA ASN E 205 -12.60 -2.72 -16.10
C ASN E 205 -11.68 -1.77 -15.31
N ASP E 206 -12.18 -0.54 -15.06
CA ASP E 206 -11.42 0.52 -14.43
C ASP E 206 -11.24 0.30 -12.93
N SER E 207 -11.74 -0.80 -12.35
CA SER E 207 -11.48 -1.14 -10.95
C SER E 207 -10.47 -2.27 -10.82
N VAL E 208 -9.88 -2.73 -11.91
CA VAL E 208 -8.77 -3.66 -11.85
C VAL E 208 -7.48 -2.85 -11.76
N ASP E 209 -6.72 -3.04 -10.65
CA ASP E 209 -5.48 -2.33 -10.43
C ASP E 209 -4.44 -2.90 -11.40
N PRO E 210 -3.90 -2.16 -12.39
CA PRO E 210 -2.91 -2.70 -13.32
C PRO E 210 -1.45 -2.55 -12.89
N ARG E 211 -1.16 -2.22 -11.62
CA ARG E 211 0.25 -2.08 -11.21
C ARG E 211 0.94 -3.45 -11.22
N ILE E 212 2.26 -3.45 -11.47
CA ILE E 212 3.10 -4.59 -11.24
C ILE E 212 3.17 -4.79 -9.72
N ALA E 213 2.94 -6.02 -9.29
CA ALA E 213 3.14 -6.39 -7.90
C ALA E 213 4.61 -6.61 -7.64
N ASN E 214 5.10 -6.21 -6.47
CA ASN E 214 6.50 -6.34 -6.08
C ASN E 214 6.93 -7.79 -6.30
N VAL E 215 6.11 -8.75 -5.85
CA VAL E 215 6.43 -10.17 -5.98
C VAL E 215 6.66 -10.61 -7.44
N PHE E 216 5.92 -10.03 -8.39
CA PHE E 216 6.05 -10.40 -9.80
C PHE E 216 7.46 -10.12 -10.33
N THR E 217 8.11 -9.05 -9.82
CA THR E 217 9.47 -8.69 -10.23
C THR E 217 10.43 -9.83 -9.93
N ASN E 218 10.09 -10.66 -8.94
CA ASN E 218 10.92 -11.80 -8.58
C ASN E 218 10.39 -13.10 -9.17
N ALA E 219 9.07 -13.31 -9.14
CA ALA E 219 8.43 -14.52 -9.66
C ALA E 219 8.69 -14.71 -11.17
N PHE E 220 8.67 -13.62 -11.94
CA PHE E 220 8.78 -13.70 -13.38
C PHE E 220 10.22 -13.95 -13.81
N ARG E 221 11.16 -13.98 -12.85
CA ARG E 221 12.51 -14.42 -13.10
C ARG E 221 12.64 -15.94 -13.21
N TYR E 222 11.53 -16.68 -13.19
CA TYR E 222 11.46 -18.09 -13.60
C TYR E 222 12.23 -18.32 -14.92
N GLY E 223 12.20 -17.31 -15.80
CA GLY E 223 12.84 -17.42 -17.10
C GLY E 223 14.36 -17.59 -17.06
N HIS E 224 14.98 -17.30 -15.90
CA HIS E 224 16.39 -17.56 -15.72
C HIS E 224 16.68 -19.05 -15.81
N THR E 225 15.67 -19.91 -15.51
CA THR E 225 15.83 -21.36 -15.64
C THR E 225 15.81 -21.82 -17.10
N LEU E 226 15.40 -20.96 -18.04
CA LEU E 226 15.30 -21.29 -19.46
C LEU E 226 16.60 -21.01 -20.20
N ILE E 227 17.54 -20.31 -19.55
CA ILE E 227 18.71 -19.76 -20.20
C ILE E 227 19.71 -20.88 -20.53
N GLN E 228 20.29 -20.74 -21.72
CA GLN E 228 21.16 -21.71 -22.33
C GLN E 228 22.55 -21.09 -22.21
N PRO E 229 23.63 -21.87 -21.97
CA PRO E 229 24.92 -21.27 -21.67
C PRO E 229 25.65 -20.67 -22.87
N PHE E 230 25.06 -20.71 -24.07
CA PHE E 230 25.69 -20.17 -25.25
C PHE E 230 24.71 -19.26 -25.99
N MET E 231 25.30 -18.32 -26.75
CA MET E 231 24.63 -17.69 -27.86
C MET E 231 24.94 -18.50 -29.11
N PHE E 232 23.88 -18.93 -29.84
CA PHE E 232 23.98 -19.69 -31.06
C PHE E 232 23.71 -18.77 -32.24
N ARG E 233 24.62 -18.78 -33.22
CA ARG E 233 24.44 -18.05 -34.46
C ARG E 233 24.46 -19.03 -35.63
N LEU E 234 23.53 -18.79 -36.57
CA LEU E 234 23.31 -19.68 -37.68
C LEU E 234 23.25 -18.87 -38.97
N ASP E 235 23.80 -19.46 -40.04
CA ASP E 235 23.78 -18.86 -41.36
C ASP E 235 22.40 -19.08 -42.00
N ASN E 236 22.31 -18.66 -43.28
CA ASN E 236 21.05 -18.65 -44.00
C ASN E 236 20.58 -20.06 -44.36
N ARG E 237 21.45 -21.08 -44.19
CA ARG E 237 21.06 -22.48 -44.30
C ARG E 237 20.81 -23.10 -42.92
N TYR E 238 20.72 -22.26 -41.87
CA TYR E 238 20.59 -22.67 -40.49
C TYR E 238 21.75 -23.56 -40.05
N GLN E 239 22.93 -23.34 -40.63
CA GLN E 239 24.15 -24.02 -40.20
C GLN E 239 24.91 -23.06 -39.28
N PRO E 240 25.81 -23.58 -38.40
CA PRO E 240 26.70 -22.75 -37.59
C PRO E 240 27.40 -21.64 -38.36
N MET E 241 27.29 -20.36 -37.94
CA MET E 241 28.01 -19.27 -38.60
C MET E 241 29.43 -19.23 -38.06
N GLU E 242 30.40 -19.70 -38.88
CA GLU E 242 31.81 -19.72 -38.54
C GLU E 242 32.36 -18.30 -38.63
N PRO E 243 33.27 -17.88 -37.73
CA PRO E 243 34.09 -18.77 -36.90
C PRO E 243 33.55 -19.15 -35.51
N ASN E 244 32.60 -18.37 -34.93
CA ASN E 244 32.18 -18.47 -33.53
C ASN E 244 30.68 -18.72 -33.46
N PRO E 245 30.21 -19.94 -33.84
CA PRO E 245 28.80 -20.23 -33.80
C PRO E 245 28.21 -20.40 -32.40
N ARG E 246 29.04 -20.71 -31.40
CA ARG E 246 28.56 -21.02 -30.04
C ARG E 246 29.41 -20.25 -29.04
N VAL E 247 29.00 -19.02 -28.72
CA VAL E 247 29.75 -18.17 -27.82
C VAL E 247 29.23 -18.42 -26.42
N PRO E 248 30.11 -18.69 -25.40
CA PRO E 248 29.69 -18.71 -24.02
C PRO E 248 29.05 -17.40 -23.58
N LEU E 249 27.97 -17.50 -22.78
CA LEU E 249 27.15 -16.35 -22.42
C LEU E 249 27.99 -15.30 -21.67
N SER E 250 28.92 -15.75 -20.80
CA SER E 250 29.88 -14.89 -20.15
C SER E 250 30.75 -14.08 -21.12
N ARG E 251 30.67 -14.34 -22.44
CA ARG E 251 31.33 -13.53 -23.45
C ARG E 251 30.37 -12.75 -24.36
N VAL E 252 29.07 -12.72 -24.04
CA VAL E 252 28.09 -11.98 -24.82
C VAL E 252 27.40 -10.86 -24.01
N PHE E 253 27.53 -10.85 -22.67
CA PHE E 253 26.87 -9.85 -21.84
C PHE E 253 27.43 -8.47 -22.18
N PHE E 254 26.55 -7.53 -22.57
CA PHE E 254 26.90 -6.18 -23.01
C PHE E 254 27.75 -6.15 -24.28
N ALA E 255 27.80 -7.25 -25.06
CA ALA E 255 28.69 -7.37 -26.21
C ALA E 255 28.03 -6.79 -27.47
N SER E 256 27.71 -5.48 -27.42
CA SER E 256 27.04 -4.77 -28.49
C SER E 256 27.84 -4.86 -29.79
N TRP E 257 29.18 -4.85 -29.70
CA TRP E 257 30.08 -5.05 -30.85
C TRP E 257 29.73 -6.27 -31.70
N ARG E 258 29.24 -7.35 -31.09
CA ARG E 258 28.93 -8.57 -31.81
C ARG E 258 27.76 -8.34 -32.77
N VAL E 259 26.80 -7.46 -32.42
CA VAL E 259 25.68 -7.18 -33.31
C VAL E 259 26.21 -6.34 -34.48
N VAL E 260 27.06 -5.37 -34.17
CA VAL E 260 27.52 -4.42 -35.15
C VAL E 260 28.53 -5.07 -36.08
N LEU E 261 29.50 -5.81 -35.52
CA LEU E 261 30.68 -6.24 -36.27
C LEU E 261 30.69 -7.72 -36.58
N GLU E 262 29.95 -8.59 -35.88
CA GLU E 262 29.89 -10.02 -36.21
C GLU E 262 28.58 -10.37 -36.88
N GLY E 263 28.02 -9.49 -37.70
CA GLY E 263 27.07 -9.87 -38.75
C GLY E 263 25.60 -9.65 -38.43
N GLY E 264 25.29 -8.70 -37.53
CA GLY E 264 23.91 -8.24 -37.37
C GLY E 264 23.00 -9.25 -36.67
N ILE E 265 21.70 -9.02 -36.82
CA ILE E 265 20.69 -9.63 -35.97
C ILE E 265 20.23 -10.96 -36.56
N ASP E 266 20.36 -11.15 -37.87
CA ASP E 266 19.81 -12.31 -38.56
C ASP E 266 20.38 -13.61 -38.00
N PRO E 267 21.72 -13.76 -37.83
CA PRO E 267 22.25 -15.01 -37.29
C PRO E 267 21.80 -15.32 -35.87
N ILE E 268 21.57 -14.28 -35.05
CA ILE E 268 21.08 -14.43 -33.68
C ILE E 268 19.61 -14.88 -33.67
N LEU E 269 18.76 -14.21 -34.46
CA LEU E 269 17.35 -14.59 -34.56
C LEU E 269 17.15 -16.04 -35.03
N ARG E 270 17.96 -16.49 -36.01
CA ARG E 270 17.91 -17.86 -36.51
C ARG E 270 18.28 -18.83 -35.40
N GLY E 271 19.33 -18.50 -34.64
CA GLY E 271 19.71 -19.25 -33.45
C GLY E 271 18.58 -19.36 -32.43
N LEU E 272 17.86 -18.24 -32.21
CA LEU E 272 16.76 -18.22 -31.26
C LEU E 272 15.68 -19.18 -31.74
N MET E 273 15.47 -19.21 -33.04
CA MET E 273 14.36 -19.97 -33.60
C MET E 273 14.66 -21.46 -33.65
N ALA E 274 15.93 -21.83 -33.90
CA ALA E 274 16.25 -23.20 -34.25
C ALA E 274 17.08 -23.87 -33.16
N THR E 275 17.14 -23.28 -31.95
CA THR E 275 17.78 -23.90 -30.80
C THR E 275 16.72 -24.12 -29.73
N PRO E 276 16.75 -25.21 -28.94
CA PRO E 276 15.82 -25.34 -27.82
C PRO E 276 16.22 -24.41 -26.69
N ALA E 277 15.22 -24.01 -25.89
CA ALA E 277 15.45 -23.50 -24.56
C ALA E 277 16.01 -24.61 -23.68
N LYS E 278 16.66 -24.22 -22.60
CA LYS E 278 16.92 -25.12 -21.50
C LYS E 278 15.60 -25.47 -20.82
N LEU E 279 15.41 -26.77 -20.52
CA LEU E 279 14.33 -27.19 -19.65
C LEU E 279 14.73 -26.90 -18.20
N ASN E 280 13.79 -26.34 -17.41
CA ASN E 280 13.92 -26.30 -15.97
C ASN E 280 13.62 -27.70 -15.44
N ARG E 281 14.60 -28.33 -14.80
CA ARG E 281 14.39 -29.54 -14.02
C ARG E 281 14.83 -29.26 -12.59
N GLN E 282 14.31 -30.07 -11.65
CA GLN E 282 14.52 -29.87 -10.23
C GLN E 282 15.98 -30.09 -9.83
N ASN E 283 16.71 -30.86 -10.61
CA ASN E 283 18.13 -31.07 -10.38
C ASN E 283 19.00 -30.32 -11.37
N GLN E 284 18.37 -29.52 -12.26
CA GLN E 284 19.09 -28.69 -13.20
C GLN E 284 18.40 -27.34 -13.32
N ILE E 285 18.49 -26.52 -12.27
CA ILE E 285 17.71 -25.29 -12.12
C ILE E 285 18.32 -24.19 -13.02
N ALA E 286 19.64 -23.88 -12.88
CA ALA E 286 20.23 -22.79 -13.66
C ALA E 286 21.71 -23.03 -13.97
N VAL E 287 22.14 -22.54 -15.15
CA VAL E 287 23.45 -22.85 -15.71
C VAL E 287 24.54 -21.97 -15.10
N ASP E 288 25.77 -22.47 -15.19
CA ASP E 288 26.91 -21.85 -14.55
C ASP E 288 27.29 -20.53 -15.24
N GLU E 289 26.90 -20.29 -16.51
CA GLU E 289 27.20 -19.02 -17.16
C GLU E 289 26.50 -17.85 -16.46
N ILE E 290 25.29 -18.05 -15.90
CA ILE E 290 24.60 -17.06 -15.07
C ILE E 290 24.86 -17.27 -13.58
N ARG E 291 25.14 -18.50 -13.13
CA ARG E 291 25.35 -18.77 -11.73
C ARG E 291 26.77 -18.44 -11.29
N GLU E 292 27.75 -18.48 -12.20
CA GLU E 292 29.16 -18.36 -11.83
C GLU E 292 29.84 -17.21 -12.56
N ARG E 293 29.35 -16.82 -13.76
CA ARG E 293 30.09 -15.92 -14.63
C ARG E 293 29.24 -14.74 -15.06
N LEU E 294 28.16 -14.40 -14.34
CA LEU E 294 27.29 -13.32 -14.78
C LEU E 294 28.09 -12.02 -14.81
N PHE E 295 28.18 -11.44 -16.01
CA PHE E 295 28.78 -10.14 -16.26
C PHE E 295 30.26 -10.10 -15.87
N GLU E 296 30.96 -11.24 -15.97
CA GLU E 296 32.34 -11.29 -15.49
C GLU E 296 33.28 -10.46 -16.36
N GLN E 297 32.90 -10.19 -17.62
CA GLN E 297 33.72 -9.35 -18.51
C GLN E 297 33.73 -7.86 -18.12
N VAL E 298 32.76 -7.37 -17.35
CA VAL E 298 32.57 -5.93 -17.21
C VAL E 298 32.60 -5.50 -15.75
N MET E 299 33.17 -6.34 -14.88
CA MET E 299 33.05 -6.23 -13.44
C MET E 299 34.14 -7.04 -12.76
N ARG E 300 34.38 -6.71 -11.50
CA ARG E 300 35.46 -7.26 -10.72
C ARG E 300 35.29 -8.75 -10.48
N ILE E 301 34.03 -9.23 -10.43
CA ILE E 301 33.75 -10.60 -10.08
C ILE E 301 32.52 -11.07 -10.85
N GLY E 302 32.44 -12.38 -11.10
CA GLY E 302 31.26 -13.00 -11.71
C GLY E 302 30.09 -13.06 -10.72
N LEU E 303 28.94 -12.52 -11.09
CA LEU E 303 27.77 -12.58 -10.23
C LEU E 303 27.11 -13.97 -10.31
N ASP E 304 26.16 -14.20 -9.40
CA ASP E 304 25.31 -15.37 -9.35
C ASP E 304 23.85 -14.91 -9.41
N LEU E 305 23.23 -15.09 -10.59
CA LEU E 305 21.93 -14.53 -10.86
C LEU E 305 20.92 -15.19 -9.94
N PRO E 306 20.85 -16.53 -9.79
CA PRO E 306 19.96 -17.15 -8.79
C PRO E 306 20.14 -16.62 -7.37
N ALA E 307 21.40 -16.40 -6.94
CA ALA E 307 21.67 -15.87 -5.61
C ALA E 307 21.16 -14.42 -5.51
N LEU E 308 21.42 -13.60 -6.54
CA LEU E 308 20.89 -12.26 -6.64
C LEU E 308 19.37 -12.23 -6.52
N ASN E 309 18.68 -13.19 -7.15
CA ASN E 309 17.24 -13.23 -7.14
C ASN E 309 16.73 -13.38 -5.70
N MET E 310 17.42 -14.26 -4.96
CA MET E 310 17.04 -14.58 -3.60
C MET E 310 17.42 -13.42 -2.67
N GLN E 311 18.61 -12.86 -2.82
CA GLN E 311 18.94 -11.65 -2.10
C GLN E 311 17.95 -10.54 -2.43
N ARG E 312 17.58 -10.38 -3.70
CA ARG E 312 16.65 -9.32 -4.09
C ARG E 312 15.28 -9.49 -3.43
N SER E 313 14.78 -10.73 -3.24
CA SER E 313 13.49 -10.95 -2.61
C SER E 313 13.51 -10.52 -1.13
N ARG E 314 14.68 -10.69 -0.50
CA ARG E 314 14.91 -10.26 0.88
C ARG E 314 14.97 -8.73 0.97
N ASP E 315 15.72 -8.10 0.06
CA ASP E 315 15.74 -6.67 -0.14
C ASP E 315 14.32 -6.06 -0.25
N HIS E 316 13.43 -6.72 -1.00
CA HIS E 316 12.09 -6.22 -1.27
C HIS E 316 11.09 -6.63 -0.20
N GLY E 317 11.53 -7.33 0.83
CA GLY E 317 10.66 -7.68 1.94
C GLY E 317 9.59 -8.71 1.55
N LEU E 318 9.88 -9.59 0.59
CA LEU E 318 8.86 -10.50 0.09
C LEU E 318 8.66 -11.61 1.12
N PRO E 319 7.40 -11.95 1.48
CA PRO E 319 7.10 -13.18 2.21
C PRO E 319 7.68 -14.44 1.57
N GLY E 320 7.81 -15.49 2.38
CA GLY E 320 8.35 -16.76 1.91
C GLY E 320 7.31 -17.62 1.20
N TYR E 321 7.79 -18.79 0.77
CA TYR E 321 7.03 -19.68 -0.08
C TYR E 321 5.62 -19.95 0.44
N ASN E 322 5.49 -20.40 1.69
CA ASN E 322 4.18 -20.77 2.21
C ASN E 322 3.21 -19.59 2.24
N ALA E 323 3.67 -18.35 2.50
CA ALA E 323 2.73 -17.24 2.54
C ALA E 323 2.15 -16.99 1.15
N TRP E 324 2.96 -17.20 0.10
CA TRP E 324 2.52 -17.06 -1.27
C TRP E 324 1.66 -18.24 -1.72
N ARG E 325 1.94 -19.45 -1.24
CA ARG E 325 1.05 -20.59 -1.47
C ARG E 325 -0.33 -20.26 -0.90
N ARG E 326 -0.39 -19.80 0.36
CA ARG E 326 -1.64 -19.43 1.03
C ARG E 326 -2.37 -18.32 0.27
N PHE E 327 -1.65 -17.27 -0.12
CA PHE E 327 -2.19 -16.21 -0.97
C PHE E 327 -2.89 -16.77 -2.20
N CYS E 328 -2.25 -17.76 -2.84
CA CYS E 328 -2.76 -18.38 -4.05
C CYS E 328 -3.80 -19.45 -3.77
N GLY E 329 -4.06 -19.81 -2.51
CA GLY E 329 -5.04 -20.82 -2.18
C GLY E 329 -4.53 -22.23 -2.41
N LEU E 330 -3.23 -22.44 -2.22
CA LEU E 330 -2.56 -23.71 -2.40
C LEU E 330 -2.14 -24.20 -1.02
N PRO E 331 -2.17 -25.51 -0.73
CA PRO E 331 -1.62 -26.05 0.51
C PRO E 331 -0.23 -25.55 0.87
N GLN E 332 -0.02 -25.34 2.19
CA GLN E 332 1.24 -24.92 2.77
C GLN E 332 1.89 -26.12 3.46
N PRO E 333 2.93 -26.75 2.88
CA PRO E 333 3.63 -27.84 3.56
C PRO E 333 4.44 -27.37 4.76
N GLU E 334 4.29 -28.05 5.91
CA GLU E 334 5.07 -27.76 7.11
C GLU E 334 6.29 -28.67 7.21
N THR E 335 6.16 -29.95 6.82
CA THR E 335 7.18 -30.95 7.05
C THR E 335 7.88 -31.25 5.74
N VAL E 336 9.08 -31.85 5.87
CA VAL E 336 9.85 -32.30 4.73
C VAL E 336 9.06 -33.30 3.88
N GLY E 337 8.27 -34.17 4.52
CA GLY E 337 7.44 -35.13 3.81
C GLY E 337 6.34 -34.45 2.99
N GLN E 338 5.68 -33.46 3.58
CA GLN E 338 4.65 -32.68 2.89
C GLN E 338 5.23 -31.88 1.73
N LEU E 339 6.43 -31.32 1.94
CA LEU E 339 7.10 -30.61 0.87
C LEU E 339 7.49 -31.60 -0.24
N GLY E 340 7.92 -32.83 0.11
CA GLY E 340 8.12 -33.90 -0.85
C GLY E 340 6.91 -34.18 -1.74
N THR E 341 5.71 -34.28 -1.13
CA THR E 341 4.45 -34.44 -1.87
C THR E 341 4.23 -33.28 -2.85
N VAL E 342 4.40 -32.06 -2.36
CA VAL E 342 4.10 -30.87 -3.13
C VAL E 342 5.08 -30.73 -4.29
N LEU E 343 6.36 -31.06 -4.04
CA LEU E 343 7.38 -30.98 -5.08
C LEU E 343 7.46 -32.26 -5.94
N ARG E 344 6.72 -33.31 -5.57
CA ARG E 344 6.86 -34.65 -6.17
C ARG E 344 8.32 -35.05 -6.17
N ASN E 345 9.02 -34.71 -5.08
CA ASN E 345 10.47 -34.80 -5.06
C ASN E 345 10.96 -34.64 -3.64
N LEU E 346 11.10 -35.78 -2.96
CA LEU E 346 11.52 -35.83 -1.57
C LEU E 346 12.97 -35.38 -1.42
N LYS E 347 13.81 -35.68 -2.41
CA LYS E 347 15.22 -35.35 -2.36
C LYS E 347 15.39 -33.85 -2.41
N LEU E 348 14.65 -33.16 -3.28
CA LEU E 348 14.70 -31.71 -3.34
C LEU E 348 14.11 -31.13 -2.06
N ALA E 349 13.02 -31.72 -1.56
CA ALA E 349 12.43 -31.27 -0.30
C ALA E 349 13.45 -31.30 0.84
N ARG E 350 14.24 -32.40 0.93
CA ARG E 350 15.27 -32.55 1.94
C ARG E 350 16.33 -31.46 1.82
N LYS E 351 16.74 -31.15 0.58
CA LYS E 351 17.72 -30.09 0.33
C LYS E 351 17.21 -28.72 0.77
N LEU E 352 15.95 -28.42 0.44
CA LEU E 352 15.36 -27.12 0.75
C LEU E 352 15.24 -26.95 2.26
N MET E 353 14.88 -28.04 2.97
CA MET E 353 14.71 -27.98 4.41
C MET E 353 16.06 -27.86 5.12
N GLU E 354 17.09 -28.52 4.59
CA GLU E 354 18.46 -28.37 5.08
C GLU E 354 18.93 -26.91 5.03
N GLN E 355 18.60 -26.19 3.94
CA GLN E 355 18.97 -24.80 3.76
C GLN E 355 18.10 -23.90 4.61
N TYR E 356 16.77 -24.04 4.51
CA TYR E 356 15.83 -23.05 5.04
C TYR E 356 15.21 -23.44 6.39
N GLY E 357 15.20 -24.73 6.77
CA GLY E 357 14.65 -25.15 8.05
C GLY E 357 13.13 -25.30 8.07
N THR E 358 12.40 -24.43 7.38
CA THR E 358 10.95 -24.53 7.22
C THR E 358 10.59 -24.05 5.82
N PRO E 359 9.53 -24.60 5.18
CA PRO E 359 9.03 -24.06 3.93
C PRO E 359 8.43 -22.66 4.04
N ASN E 360 8.22 -22.16 5.27
CA ASN E 360 7.81 -20.78 5.46
C ASN E 360 8.86 -19.79 4.99
N ASN E 361 10.16 -20.15 5.05
CA ASN E 361 11.25 -19.25 4.81
C ASN E 361 11.84 -19.44 3.40
N ILE E 362 11.34 -20.37 2.58
CA ILE E 362 11.88 -20.57 1.24
C ILE E 362 11.63 -19.28 0.44
N ASP E 363 12.69 -18.77 -0.21
CA ASP E 363 12.62 -17.55 -0.98
C ASP E 363 11.73 -17.83 -2.19
N ILE E 364 10.91 -16.85 -2.58
CA ILE E 364 9.84 -17.07 -3.53
C ILE E 364 10.37 -17.60 -4.86
N TRP E 365 11.47 -17.08 -5.38
CA TRP E 365 11.96 -17.57 -6.67
C TRP E 365 12.37 -19.03 -6.55
N MET E 366 13.13 -19.36 -5.50
CA MET E 366 13.68 -20.68 -5.28
C MET E 366 12.55 -21.68 -5.12
N GLY E 367 11.57 -21.35 -4.31
CA GLY E 367 10.39 -22.15 -4.12
C GLY E 367 9.58 -22.26 -5.40
N GLY E 368 9.35 -21.13 -6.09
CA GLY E 368 8.60 -21.07 -7.34
C GLY E 368 9.16 -22.02 -8.40
N VAL E 369 10.47 -21.91 -8.64
CA VAL E 369 11.13 -22.65 -9.71
C VAL E 369 11.37 -24.10 -9.30
N SER E 370 11.26 -24.44 -8.02
CA SER E 370 11.40 -25.80 -7.53
C SER E 370 10.16 -26.63 -7.80
N GLU E 371 8.98 -26.02 -7.89
CA GLU E 371 7.76 -26.78 -8.06
C GLU E 371 7.73 -27.49 -9.41
N PRO E 372 7.20 -28.73 -9.49
CA PRO E 372 7.02 -29.41 -10.78
C PRO E 372 6.09 -28.64 -11.71
N LEU E 373 6.28 -28.80 -13.01
CA LEU E 373 5.66 -27.91 -14.00
C LEU E 373 4.25 -28.39 -14.29
N LYS E 374 3.28 -27.46 -14.36
CA LYS E 374 1.95 -27.75 -14.87
C LYS E 374 2.09 -28.39 -16.26
N ARG E 375 1.17 -29.32 -16.59
CA ARG E 375 1.14 -29.99 -17.88
C ARG E 375 1.06 -28.96 -19.00
N LYS E 376 2.05 -29.02 -19.92
CA LYS E 376 2.20 -28.16 -21.07
C LYS E 376 2.55 -26.72 -20.67
N GLY E 377 2.98 -26.50 -19.43
CA GLY E 377 3.53 -25.22 -19.01
C GLY E 377 4.96 -25.37 -18.53
N ARG E 378 5.59 -24.23 -18.21
CA ARG E 378 6.96 -24.22 -17.73
C ARG E 378 7.07 -23.54 -16.37
N VAL E 379 5.95 -23.43 -15.65
CA VAL E 379 6.00 -23.07 -14.24
C VAL E 379 5.10 -24.04 -13.49
N GLY E 380 5.32 -24.16 -12.19
CA GLY E 380 4.41 -24.89 -11.31
C GLY E 380 3.23 -24.03 -10.85
N PRO E 381 2.35 -24.58 -9.99
CA PRO E 381 1.13 -23.87 -9.61
C PRO E 381 1.35 -22.51 -8.96
N LEU E 382 2.40 -22.37 -8.16
CA LEU E 382 2.62 -21.13 -7.42
C LEU E 382 2.92 -20.00 -8.40
N LEU E 383 3.94 -20.22 -9.23
CA LEU E 383 4.34 -19.26 -10.22
C LEU E 383 3.24 -18.99 -11.22
N ALA E 384 2.46 -20.01 -11.57
CA ALA E 384 1.36 -19.82 -12.51
C ALA E 384 0.30 -18.91 -11.91
N CYS E 385 0.01 -19.02 -10.61
CA CYS E 385 -0.94 -18.16 -9.93
C CYS E 385 -0.49 -16.69 -9.96
N ILE E 386 0.75 -16.47 -9.52
CA ILE E 386 1.34 -15.15 -9.46
C ILE E 386 1.41 -14.54 -10.86
N ILE E 387 2.04 -15.24 -11.82
CA ILE E 387 2.22 -14.74 -13.17
C ILE E 387 0.87 -14.55 -13.85
N GLY E 388 -0.03 -15.52 -13.69
CA GLY E 388 -1.35 -15.47 -14.29
C GLY E 388 -2.17 -14.30 -13.79
N THR E 389 -2.14 -14.09 -12.46
CA THR E 389 -2.85 -12.99 -11.81
C THR E 389 -2.29 -11.64 -12.29
N GLN E 390 -0.96 -11.55 -12.42
CA GLN E 390 -0.36 -10.31 -12.85
C GLN E 390 -0.87 -9.94 -14.24
N PHE E 391 -0.85 -10.87 -15.19
CA PHE E 391 -1.17 -10.63 -16.58
C PHE E 391 -2.66 -10.45 -16.81
N ARG E 392 -3.49 -11.00 -15.93
CA ARG E 392 -4.90 -10.71 -16.01
C ARG E 392 -5.17 -9.25 -15.67
N LYS E 393 -4.51 -8.76 -14.62
CA LYS E 393 -4.64 -7.39 -14.20
C LYS E 393 -4.15 -6.45 -15.29
N LEU E 394 -3.06 -6.81 -15.99
CA LEU E 394 -2.50 -5.97 -17.04
C LEU E 394 -3.42 -5.89 -18.26
N ARG E 395 -4.24 -6.91 -18.50
CA ARG E 395 -5.16 -6.91 -19.61
C ARG E 395 -6.44 -6.16 -19.25
N ASP E 396 -7.11 -6.61 -18.17
CA ASP E 396 -8.41 -6.13 -17.80
C ASP E 396 -8.36 -4.70 -17.26
N GLY E 397 -7.22 -4.28 -16.70
CA GLY E 397 -7.04 -2.92 -16.18
C GLY E 397 -6.34 -1.96 -17.13
N ASP E 398 -6.29 -2.30 -18.43
CA ASP E 398 -5.65 -1.49 -19.45
C ASP E 398 -6.72 -0.89 -20.34
N ARG E 399 -6.86 0.43 -20.28
CA ARG E 399 -7.86 1.14 -21.05
C ARG E 399 -7.58 1.02 -22.54
N PHE E 400 -6.31 0.82 -22.92
CA PHE E 400 -5.92 0.72 -24.33
C PHE E 400 -5.62 -0.71 -24.75
N TRP E 401 -6.11 -1.73 -24.03
CA TRP E 401 -6.02 -3.12 -24.49
C TRP E 401 -6.65 -3.22 -25.89
N TRP E 402 -5.99 -3.99 -26.76
CA TRP E 402 -6.29 -3.93 -28.18
C TRP E 402 -7.73 -4.38 -28.50
N GLU E 403 -8.31 -5.28 -27.69
CA GLU E 403 -9.69 -5.71 -27.89
C GLU E 403 -10.70 -4.74 -27.27
N ASN E 404 -10.30 -3.76 -26.47
CA ASN E 404 -11.28 -2.97 -25.74
C ASN E 404 -12.07 -2.13 -26.75
N GLU E 405 -13.39 -2.08 -26.59
CA GLU E 405 -14.23 -1.28 -27.48
C GLU E 405 -13.66 0.12 -27.60
N GLY E 406 -13.45 0.59 -28.83
CA GLY E 406 -13.04 1.96 -29.11
C GLY E 406 -11.55 2.14 -29.37
N VAL E 407 -10.71 1.13 -29.07
CA VAL E 407 -9.28 1.25 -29.29
C VAL E 407 -8.96 1.04 -30.77
N PHE E 408 -9.43 -0.06 -31.35
CA PHE E 408 -9.36 -0.29 -32.79
C PHE E 408 -10.78 -0.47 -33.34
N SER E 409 -10.96 -0.20 -34.64
CA SER E 409 -12.17 -0.61 -35.33
C SER E 409 -12.20 -2.13 -35.40
N MET E 410 -13.39 -2.68 -35.70
CA MET E 410 -13.57 -4.11 -35.81
C MET E 410 -12.77 -4.67 -36.98
N GLN E 411 -12.50 -3.83 -37.99
CA GLN E 411 -11.69 -4.19 -39.15
C GLN E 411 -10.21 -4.20 -38.80
N GLN E 412 -9.75 -3.23 -38.03
CA GLN E 412 -8.36 -3.22 -37.62
C GLN E 412 -8.06 -4.45 -36.75
N ARG E 413 -9.04 -4.84 -35.92
CA ARG E 413 -8.92 -6.01 -35.07
C ARG E 413 -8.81 -7.28 -35.91
N GLN E 414 -9.63 -7.42 -36.96
CA GLN E 414 -9.54 -8.56 -37.87
C GLN E 414 -8.15 -8.59 -38.50
N ALA E 415 -7.61 -7.42 -38.90
CA ALA E 415 -6.26 -7.32 -39.46
C ALA E 415 -5.17 -7.70 -38.45
N LEU E 416 -5.21 -7.15 -37.24
CA LEU E 416 -4.21 -7.41 -36.20
C LEU E 416 -4.16 -8.91 -35.82
N ALA E 417 -5.30 -9.60 -35.88
CA ALA E 417 -5.35 -11.02 -35.55
C ALA E 417 -4.49 -11.87 -36.51
N GLN E 418 -4.12 -11.34 -37.69
CA GLN E 418 -3.20 -11.99 -38.62
C GLN E 418 -1.73 -11.93 -38.18
N ILE E 419 -1.36 -11.06 -37.23
CA ILE E 419 0.05 -10.86 -36.92
C ILE E 419 0.65 -12.09 -36.24
N SER E 420 1.97 -12.22 -36.41
CA SER E 420 2.72 -13.23 -35.69
C SER E 420 4.17 -12.79 -35.65
N LEU E 421 4.93 -13.34 -34.68
CA LEU E 421 6.34 -12.99 -34.59
C LEU E 421 7.14 -13.45 -35.82
N PRO E 422 6.94 -14.67 -36.38
CA PRO E 422 7.60 -15.07 -37.64
C PRO E 422 7.42 -14.08 -38.79
N ARG E 423 6.21 -13.57 -38.94
CA ARG E 423 5.93 -12.58 -39.96
C ARG E 423 6.74 -11.30 -39.75
N ILE E 424 6.79 -10.83 -38.51
CA ILE E 424 7.59 -9.66 -38.17
C ILE E 424 9.05 -9.87 -38.56
N ILE E 425 9.59 -11.10 -38.39
CA ILE E 425 10.98 -11.39 -38.69
C ILE E 425 11.19 -11.35 -40.20
N CYS E 426 10.32 -12.04 -40.95
CA CYS E 426 10.29 -11.96 -42.41
C CYS E 426 10.31 -10.51 -42.92
N ASP E 427 9.46 -9.64 -42.33
CA ASP E 427 9.30 -8.27 -42.82
C ASP E 427 10.50 -7.37 -42.51
N ASN E 428 11.41 -7.72 -41.57
CA ASN E 428 12.40 -6.75 -41.10
C ASN E 428 13.83 -7.31 -41.04
N THR E 429 14.09 -8.49 -41.65
CA THR E 429 15.43 -9.07 -41.71
C THR E 429 15.70 -9.63 -43.12
N GLY E 430 16.92 -10.16 -43.33
CA GLY E 430 17.22 -10.92 -44.53
C GLY E 430 16.86 -12.42 -44.44
N ILE E 431 15.99 -12.81 -43.50
CA ILE E 431 15.64 -14.19 -43.25
C ILE E 431 14.41 -14.49 -44.10
N THR E 432 14.44 -15.61 -44.84
CA THR E 432 13.33 -16.02 -45.71
C THR E 432 12.74 -17.35 -45.23
N THR E 433 13.31 -17.98 -44.21
CA THR E 433 12.75 -19.20 -43.65
C THR E 433 12.73 -19.01 -42.14
N VAL E 434 11.57 -19.27 -41.51
CA VAL E 434 11.28 -18.91 -40.13
C VAL E 434 10.49 -20.04 -39.49
N SER E 435 10.39 -20.01 -38.15
CA SER E 435 9.63 -20.98 -37.39
C SER E 435 8.18 -21.00 -37.87
N LYS E 436 7.60 -22.21 -37.95
CA LYS E 436 6.18 -22.32 -38.22
C LYS E 436 5.42 -22.17 -36.89
N ASN E 437 4.16 -22.62 -36.90
CA ASN E 437 3.37 -22.95 -35.72
C ASN E 437 3.31 -21.67 -34.91
N ASN E 438 3.24 -21.89 -33.58
CA ASN E 438 3.82 -21.10 -32.53
C ASN E 438 5.34 -21.18 -32.57
N ILE E 439 5.92 -20.01 -32.79
CA ILE E 439 7.35 -19.77 -32.74
C ILE E 439 7.98 -20.26 -31.43
N PHE E 440 7.24 -20.23 -30.32
CA PHE E 440 7.79 -20.52 -29.00
C PHE E 440 7.97 -22.01 -28.75
N MET E 441 7.27 -22.87 -29.50
CA MET E 441 7.40 -24.31 -29.44
C MET E 441 8.34 -24.83 -30.55
N SER E 442 8.10 -24.42 -31.81
CA SER E 442 8.93 -24.71 -32.97
C SER E 442 10.41 -24.42 -32.68
N ASN E 443 11.28 -25.45 -32.78
CA ASN E 443 12.68 -25.31 -32.39
C ASN E 443 13.68 -26.12 -33.21
N SER E 444 13.30 -26.76 -34.32
CA SER E 444 14.18 -27.72 -35.00
C SER E 444 14.11 -27.47 -36.50
N TYR E 445 15.25 -27.07 -37.08
CA TYR E 445 15.37 -26.88 -38.51
C TYR E 445 15.73 -28.23 -39.13
N PRO E 446 15.21 -28.62 -40.32
CA PRO E 446 14.15 -27.92 -41.04
C PRO E 446 12.72 -28.28 -40.62
N ARG E 447 12.54 -29.32 -39.81
CA ARG E 447 11.21 -29.85 -39.50
C ARG E 447 10.20 -28.75 -39.18
N ASP E 448 10.57 -27.80 -38.31
CA ASP E 448 9.61 -26.83 -37.79
C ASP E 448 9.59 -25.52 -38.56
N PHE E 449 10.07 -25.50 -39.83
CA PHE E 449 10.30 -24.26 -40.55
C PHE E 449 9.48 -24.17 -41.84
N VAL E 450 9.12 -22.93 -42.22
CA VAL E 450 8.41 -22.61 -43.47
C VAL E 450 9.06 -21.41 -44.14
N ASN E 451 8.77 -21.25 -45.44
CA ASN E 451 9.19 -20.09 -46.22
C ASN E 451 8.32 -18.90 -45.79
N CYS E 452 8.95 -17.72 -45.74
CA CYS E 452 8.29 -16.47 -45.39
C CYS E 452 7.10 -16.19 -46.30
N SER E 453 7.22 -16.54 -47.59
CA SER E 453 6.16 -16.37 -48.59
C SER E 453 4.84 -17.01 -48.18
N THR E 454 4.87 -18.08 -47.37
CA THR E 454 3.65 -18.75 -46.91
C THR E 454 2.89 -17.97 -45.84
N LEU E 455 3.47 -16.89 -45.28
CA LEU E 455 2.89 -16.24 -44.12
C LEU E 455 2.08 -15.01 -44.53
N PRO E 456 0.86 -14.81 -43.96
CA PRO E 456 0.08 -13.60 -44.25
C PRO E 456 0.70 -12.33 -43.63
N ALA E 457 0.88 -11.28 -44.44
CA ALA E 457 1.27 -9.95 -43.94
C ALA E 457 0.10 -9.23 -43.27
N LEU E 458 0.44 -8.24 -42.45
CA LEU E 458 -0.50 -7.31 -41.83
C LEU E 458 -1.01 -6.34 -42.90
N ASN E 459 -2.33 -6.35 -43.11
CA ASN E 459 -2.98 -5.48 -44.06
C ASN E 459 -3.43 -4.20 -43.36
N LEU E 460 -2.83 -3.06 -43.70
CA LEU E 460 -3.14 -1.80 -43.05
C LEU E 460 -4.22 -1.03 -43.78
N ALA E 461 -4.97 -1.64 -44.71
CA ALA E 461 -5.94 -0.92 -45.51
C ALA E 461 -7.04 -0.25 -44.66
N SER E 462 -7.44 -0.86 -43.52
CA SER E 462 -8.45 -0.26 -42.64
C SER E 462 -7.93 0.92 -41.79
N TRP E 463 -6.62 1.23 -41.86
CA TRP E 463 -6.04 2.48 -41.34
C TRP E 463 -6.09 3.63 -42.36
N ARG E 464 -6.59 3.37 -43.60
CA ARG E 464 -6.84 4.41 -44.58
C ARG E 464 -7.85 5.40 -43.98
N GLU E 465 -7.60 6.69 -44.21
CA GLU E 465 -8.38 7.78 -43.67
C GLU E 465 -8.71 8.74 -44.81
N ALA E 466 -10.01 8.98 -45.04
CA ALA E 466 -10.47 9.83 -46.14
C ALA E 466 -10.32 11.31 -45.75
N ASN F 2 -1.81 29.84 9.18
CA ASN F 2 -2.44 29.18 10.36
C ASN F 2 -3.89 28.85 10.02
N CYS F 3 -4.15 27.54 9.94
CA CYS F 3 -5.41 27.00 9.44
C CYS F 3 -6.62 27.40 10.29
N GLU F 4 -6.41 27.61 11.61
CA GLU F 4 -7.48 27.97 12.53
C GLU F 4 -8.02 29.38 12.27
N THR F 5 -7.16 30.33 11.85
CA THR F 5 -7.60 31.71 11.65
C THR F 5 -7.66 32.11 10.18
N SER F 6 -6.84 31.51 9.30
CA SER F 6 -6.76 31.98 7.92
C SER F 6 -7.78 31.20 7.09
N CYS F 7 -8.31 31.84 6.03
CA CYS F 7 -9.05 31.10 5.01
C CYS F 7 -8.20 30.86 3.74
N VAL F 8 -6.89 31.09 3.80
CA VAL F 8 -6.00 30.89 2.66
C VAL F 8 -5.72 29.39 2.51
N GLN F 9 -5.76 28.88 1.26
CA GLN F 9 -5.54 27.47 0.98
C GLN F 9 -4.05 27.31 0.66
N GLN F 10 -3.27 27.10 1.70
CA GLN F 10 -1.85 26.89 1.58
C GLN F 10 -1.52 25.69 2.45
N PRO F 11 -0.62 24.77 2.05
CA PRO F 11 -0.30 23.63 2.89
C PRO F 11 -0.01 24.04 4.33
N PRO F 12 -0.49 23.35 5.40
CA PRO F 12 -1.29 22.12 5.33
C PRO F 12 -2.80 22.37 5.43
N CYS F 13 -3.28 23.56 5.04
CA CYS F 13 -4.66 23.97 5.25
C CYS F 13 -5.49 23.61 4.01
N PHE F 14 -6.67 23.03 4.24
CA PHE F 14 -7.66 22.78 3.21
C PHE F 14 -9.02 23.26 3.72
N PRO F 15 -9.20 24.58 3.95
CA PRO F 15 -10.42 25.08 4.56
C PRO F 15 -11.64 24.79 3.70
N LEU F 16 -12.78 24.57 4.35
CA LEU F 16 -14.01 24.33 3.64
C LEU F 16 -14.56 25.69 3.19
N LYS F 17 -14.71 25.86 1.88
CA LYS F 17 -15.38 27.04 1.33
C LYS F 17 -16.88 27.03 1.65
N ILE F 18 -17.47 28.23 1.58
CA ILE F 18 -18.83 28.48 2.01
C ILE F 18 -19.71 28.63 0.76
N PRO F 19 -20.85 27.94 0.62
CA PRO F 19 -21.71 28.11 -0.55
C PRO F 19 -22.50 29.43 -0.48
N PRO F 20 -23.18 29.86 -1.58
CA PRO F 20 -24.12 30.97 -1.47
C PRO F 20 -25.37 30.51 -0.73
N ASN F 21 -26.04 31.44 -0.05
CA ASN F 21 -27.27 31.15 0.69
C ASN F 21 -27.00 30.07 1.74
N ASP F 22 -25.89 30.21 2.47
CA ASP F 22 -25.66 29.37 3.63
C ASP F 22 -26.64 29.81 4.72
N PRO F 23 -27.29 28.88 5.46
CA PRO F 23 -28.17 29.26 6.55
C PRO F 23 -27.50 29.88 7.79
N ARG F 24 -26.17 29.78 7.92
CA ARG F 24 -25.43 30.38 9.03
C ARG F 24 -24.40 31.38 8.52
N ILE F 25 -23.47 30.94 7.66
CA ILE F 25 -22.29 31.70 7.29
C ILE F 25 -22.61 32.47 6.01
N LYS F 26 -23.10 33.71 6.18
CA LYS F 26 -23.59 34.53 5.07
C LYS F 26 -22.41 34.99 4.20
N ASN F 27 -21.26 35.21 4.86
CA ASN F 27 -20.03 35.70 4.26
C ASN F 27 -19.26 34.58 3.53
N GLN F 28 -19.29 34.59 2.20
CA GLN F 28 -18.60 33.60 1.38
C GLN F 28 -17.07 33.72 1.47
N ALA F 29 -16.52 34.84 1.95
CA ALA F 29 -15.08 34.96 2.20
C ALA F 29 -14.64 34.24 3.47
N ASP F 30 -15.57 33.80 4.33
CA ASP F 30 -15.23 32.99 5.50
C ASP F 30 -15.00 31.55 5.04
N CYS F 31 -14.65 30.70 6.02
CA CYS F 31 -14.43 29.30 5.79
C CYS F 31 -14.59 28.54 7.09
N ILE F 32 -14.76 27.22 6.99
CA ILE F 32 -14.63 26.33 8.13
C ILE F 32 -13.18 25.82 8.13
N PRO F 33 -12.41 26.02 9.23
CA PRO F 33 -11.03 25.55 9.30
C PRO F 33 -10.85 24.04 9.09
N PHE F 34 -9.75 23.67 8.43
CA PHE F 34 -9.38 22.27 8.29
C PHE F 34 -7.88 22.14 7.98
N PHE F 35 -7.20 21.32 8.78
CA PHE F 35 -5.83 20.90 8.57
C PHE F 35 -5.90 19.51 7.93
N ARG F 36 -5.17 19.33 6.81
CA ARG F 36 -4.97 18.03 6.19
C ARG F 36 -4.26 17.09 7.17
N SER F 37 -4.67 15.84 7.20
CA SER F 37 -4.01 14.82 7.99
C SER F 37 -2.54 14.70 7.55
N PRO F 39 0.85 13.47 6.21
CA PRO F 39 1.27 12.43 5.29
C PRO F 39 2.24 11.43 5.91
N ALA F 40 2.13 10.15 5.50
CA ALA F 40 3.05 9.11 5.93
C ALA F 40 4.46 9.37 5.38
N CYS F 41 4.55 9.87 4.13
CA CYS F 41 5.85 10.18 3.49
C CYS F 41 5.86 11.66 3.10
N PRO F 42 6.17 12.59 4.04
CA PRO F 42 6.02 14.00 3.79
C PRO F 42 6.95 14.56 2.71
N GLY F 43 6.39 15.36 1.80
CA GLY F 43 7.18 16.04 0.77
C GLY F 43 7.26 15.26 -0.54
N SER F 44 6.80 14.01 -0.61
CA SER F 44 7.15 13.11 -1.70
C SER F 44 6.39 13.41 -2.99
N ASN F 45 7.17 13.49 -4.09
CA ASN F 45 6.78 13.40 -5.50
C ASN F 45 6.23 12.01 -5.90
N ILE F 46 6.85 10.96 -5.35
CA ILE F 46 6.80 9.63 -5.91
C ILE F 46 5.65 8.88 -5.27
N THR F 47 5.53 8.91 -3.94
CA THR F 47 4.54 8.12 -3.21
C THR F 47 3.13 8.67 -3.43
N ILE F 48 2.18 7.77 -3.26
CA ILE F 48 0.78 8.17 -3.19
C ILE F 48 0.51 8.44 -1.71
N ARG F 49 0.04 9.66 -1.47
CA ARG F 49 -0.13 10.17 -0.12
C ARG F 49 -1.09 9.26 0.64
N ASN F 50 -0.77 9.04 1.91
CA ASN F 50 -1.53 8.22 2.83
C ASN F 50 -1.34 8.77 4.24
N GLN F 51 -2.28 8.46 5.13
CA GLN F 51 -2.32 9.04 6.46
C GLN F 51 -1.85 8.01 7.48
N ILE F 52 -1.75 8.46 8.74
CA ILE F 52 -1.11 7.71 9.81
C ILE F 52 -2.16 7.40 10.87
N ASN F 53 -2.07 6.17 11.43
CA ASN F 53 -2.81 5.80 12.61
C ASN F 53 -1.85 5.92 13.78
N ALA F 54 -2.17 6.79 14.74
CA ALA F 54 -1.36 6.97 15.93
C ALA F 54 -1.65 5.91 17.00
N LEU F 55 -2.68 5.07 16.84
CA LEU F 55 -3.12 4.12 17.87
C LEU F 55 -2.90 2.69 17.41
N THR F 56 -3.01 1.75 18.36
CA THR F 56 -2.98 0.34 18.03
C THR F 56 -4.33 0.04 17.40
N SER F 57 -4.32 -0.66 16.25
CA SER F 57 -5.55 -1.04 15.57
C SER F 57 -6.36 -1.99 16.44
N PHE F 58 -5.68 -2.76 17.30
CA PHE F 58 -6.31 -3.86 18.02
C PHE F 58 -7.29 -3.32 19.05
N VAL F 59 -8.27 -4.17 19.37
CA VAL F 59 -9.25 -3.86 20.41
C VAL F 59 -8.62 -4.34 21.73
N ASP F 60 -7.78 -3.46 22.31
CA ASP F 60 -6.85 -3.77 23.38
C ASP F 60 -6.93 -2.74 24.52
N ALA F 61 -7.98 -1.92 24.50
CA ALA F 61 -8.20 -0.83 25.42
C ALA F 61 -7.02 0.13 25.45
N SER F 62 -6.42 0.43 24.29
CA SER F 62 -5.31 1.38 24.22
C SER F 62 -5.78 2.82 24.49
N MET F 63 -7.10 3.06 24.45
CA MET F 63 -7.66 4.33 24.87
C MET F 63 -7.57 4.50 26.40
N VAL F 64 -7.35 3.39 27.15
CA VAL F 64 -7.08 3.44 28.58
C VAL F 64 -5.58 3.48 28.84
N TYR F 65 -4.82 2.61 28.15
CA TYR F 65 -3.44 2.31 28.51
C TYR F 65 -2.43 3.13 27.71
N GLY F 66 -2.87 3.74 26.58
CA GLY F 66 -1.99 4.43 25.65
C GLY F 66 -1.41 3.52 24.57
N SER F 67 -0.97 4.13 23.45
CA SER F 67 -0.42 3.44 22.29
C SER F 67 1.08 3.69 22.12
N GLU F 68 1.73 4.41 23.03
CA GLU F 68 3.15 4.71 23.01
C GLU F 68 3.69 4.55 24.43
N GLU F 69 4.95 4.12 24.55
CA GLU F 69 5.48 3.61 25.80
C GLU F 69 5.62 4.71 26.85
N PRO F 70 6.05 5.96 26.50
CA PRO F 70 6.12 7.05 27.47
C PRO F 70 4.77 7.43 28.08
N LEU F 71 3.73 7.60 27.26
CA LEU F 71 2.38 7.84 27.73
C LEU F 71 1.92 6.69 28.61
N ALA F 72 2.20 5.45 28.21
CA ALA F 72 1.79 4.31 29.03
C ALA F 72 2.39 4.37 30.42
N ARG F 73 3.64 4.83 30.58
CA ARG F 73 4.29 4.98 31.89
C ARG F 73 3.64 6.12 32.69
N ASN F 74 3.39 7.25 32.02
CA ASN F 74 2.77 8.43 32.63
C ASN F 74 1.37 8.18 33.15
N LEU F 75 0.62 7.27 32.53
CA LEU F 75 -0.73 6.92 32.97
C LEU F 75 -0.73 6.03 34.21
N ARG F 76 0.42 5.42 34.54
CA ARG F 76 0.51 4.50 35.66
C ARG F 76 0.86 5.22 36.96
N ASN F 77 0.40 4.61 38.06
CA ASN F 77 0.80 4.99 39.41
C ASN F 77 2.13 4.30 39.73
N MET F 78 3.21 5.08 39.75
CA MET F 78 4.56 4.57 39.92
C MET F 78 5.07 4.74 41.36
N SER F 79 4.20 5.22 42.27
CA SER F 79 4.54 5.38 43.67
C SER F 79 4.41 4.09 44.49
N ASN F 80 3.95 2.97 43.91
CA ASN F 80 3.83 1.71 44.66
C ASN F 80 3.89 0.54 43.67
N GLN F 81 3.80 -0.69 44.19
CA GLN F 81 3.73 -1.91 43.39
C GLN F 81 2.33 -2.51 43.32
N LEU F 82 1.25 -1.69 43.43
CA LEU F 82 -0.13 -2.20 43.36
C LEU F 82 -0.64 -2.33 41.93
N GLY F 83 0.12 -1.83 40.93
CA GLY F 83 -0.13 -2.09 39.54
C GLY F 83 -1.25 -1.21 38.99
N LEU F 84 -1.38 0.00 39.53
CA LEU F 84 -2.56 0.83 39.33
C LEU F 84 -2.29 1.84 38.21
N LEU F 85 -3.40 2.31 37.61
CA LEU F 85 -3.39 3.52 36.82
C LEU F 85 -3.49 4.73 37.75
N ALA F 86 -2.80 5.82 37.37
CA ALA F 86 -2.81 7.06 38.11
C ALA F 86 -4.21 7.69 38.10
N VAL F 87 -4.56 8.36 39.21
CA VAL F 87 -5.87 9.00 39.37
C VAL F 87 -5.62 10.47 39.70
N ASN F 88 -6.66 11.26 39.49
CA ASN F 88 -6.67 12.69 39.80
C ASN F 88 -6.27 12.87 41.26
N GLN F 89 -5.39 13.86 41.52
CA GLN F 89 -4.84 14.13 42.82
C GLN F 89 -5.51 15.32 43.51
N ARG F 90 -6.40 16.03 42.81
CA ARG F 90 -7.09 17.20 43.36
C ARG F 90 -8.58 16.93 43.57
N PHE F 91 -9.20 16.05 42.78
CA PHE F 91 -10.64 15.84 42.82
C PHE F 91 -11.00 14.36 42.81
N GLN F 92 -12.15 14.05 43.45
CA GLN F 92 -12.80 12.75 43.43
C GLN F 92 -14.27 12.96 43.14
N ASP F 93 -15.00 11.87 42.90
CA ASP F 93 -16.39 11.88 42.50
C ASP F 93 -17.14 11.04 43.53
N ASN F 94 -17.68 11.71 44.57
CA ASN F 94 -18.28 11.05 45.72
C ASN F 94 -17.37 9.92 46.19
N GLY F 95 -16.06 10.21 46.38
CA GLY F 95 -15.13 9.23 46.91
C GLY F 95 -14.37 8.43 45.84
N ARG F 96 -14.82 8.43 44.58
CA ARG F 96 -14.22 7.58 43.56
C ARG F 96 -13.24 8.33 42.65
N ALA F 97 -12.42 7.54 41.93
CA ALA F 97 -11.36 8.08 41.10
C ALA F 97 -11.94 8.90 39.95
N LEU F 98 -11.31 10.06 39.69
CA LEU F 98 -11.40 10.72 38.39
C LEU F 98 -10.08 10.48 37.64
N LEU F 99 -10.12 10.70 36.32
CA LEU F 99 -8.92 10.66 35.49
C LEU F 99 -7.95 11.74 35.95
N PRO F 100 -6.62 11.55 35.84
CA PRO F 100 -5.70 12.66 36.06
C PRO F 100 -5.88 13.74 35.01
N PHE F 101 -5.40 14.94 35.32
CA PHE F 101 -5.40 16.05 34.41
C PHE F 101 -4.15 15.99 33.55
N ASP F 102 -4.36 16.38 32.28
CA ASP F 102 -3.30 16.53 31.29
C ASP F 102 -2.78 17.96 31.37
N ASN F 103 -1.58 18.15 30.79
CA ASN F 103 -0.92 19.44 30.71
C ASN F 103 -0.70 19.81 29.25
N LEU F 104 -1.71 20.43 28.63
CA LEU F 104 -1.67 20.85 27.24
C LEU F 104 -1.25 22.32 27.18
N HIS F 105 -0.45 22.71 26.17
CA HIS F 105 0.02 24.08 26.13
C HIS F 105 -1.14 24.99 25.74
N ASP F 106 -2.06 24.55 24.86
CA ASP F 106 -3.28 25.29 24.59
C ASP F 106 -4.47 24.37 24.88
N ASP F 107 -5.03 24.49 26.08
CA ASP F 107 -5.98 23.53 26.61
C ASP F 107 -7.37 23.99 26.24
N PRO F 108 -8.12 23.31 25.34
CA PRO F 108 -9.46 23.79 24.96
C PRO F 108 -10.50 23.71 26.09
N CYS F 109 -10.31 22.77 27.04
CA CYS F 109 -11.25 22.57 28.13
C CYS F 109 -11.34 23.78 29.06
N LEU F 110 -10.19 24.43 29.30
CA LEU F 110 -10.13 25.68 30.02
C LEU F 110 -10.97 26.79 29.38
N LEU F 111 -11.18 26.75 28.06
CA LEU F 111 -11.93 27.79 27.37
C LEU F 111 -13.45 27.60 27.47
N THR F 112 -13.96 26.46 27.99
CA THR F 112 -15.40 26.22 28.06
C THR F 112 -16.01 27.05 29.18
N ASN F 113 -15.61 26.80 30.43
CA ASN F 113 -15.96 27.62 31.57
C ASN F 113 -14.66 28.18 32.14
N ARG F 114 -14.41 29.49 31.93
CA ARG F 114 -13.12 30.06 32.27
C ARG F 114 -12.98 30.18 33.79
N SER F 115 -14.04 30.58 34.50
CA SER F 115 -13.95 30.72 35.94
C SER F 115 -13.62 29.39 36.62
N ALA F 116 -14.01 28.26 36.00
CA ALA F 116 -13.89 26.95 36.62
C ALA F 116 -12.45 26.41 36.63
N ARG F 117 -11.65 26.73 35.60
CA ARG F 117 -10.23 26.42 35.56
C ARG F 117 -9.99 24.91 35.71
N ILE F 118 -10.79 24.10 34.98
CA ILE F 118 -10.65 22.65 34.97
C ILE F 118 -10.10 22.22 33.60
N PRO F 119 -8.84 21.73 33.55
CA PRO F 119 -8.22 21.40 32.29
C PRO F 119 -8.73 20.03 31.79
N CYS F 120 -8.32 19.67 30.57
CA CYS F 120 -8.63 18.38 29.98
C CYS F 120 -7.99 17.24 30.76
N PHE F 121 -8.66 16.07 30.72
CA PHE F 121 -8.14 14.87 31.37
C PHE F 121 -7.05 14.25 30.47
N LEU F 122 -6.23 13.43 31.15
CA LEU F 122 -5.19 12.58 30.58
C LEU F 122 -5.72 11.14 30.53
N ALA F 123 -5.63 10.54 29.35
CA ALA F 123 -6.03 9.16 29.14
C ALA F 123 -5.15 8.53 28.07
N GLY F 124 -5.44 7.26 27.74
CA GLY F 124 -4.72 6.53 26.71
C GLY F 124 -4.86 7.18 25.34
N ASP F 125 -5.99 7.86 25.09
CA ASP F 125 -6.24 8.57 23.85
C ASP F 125 -6.46 10.03 24.17
N THR F 126 -6.07 10.93 23.24
CA THR F 126 -6.06 12.37 23.46
C THR F 126 -7.46 13.01 23.47
N ARG F 127 -8.54 12.30 23.09
CA ARG F 127 -9.84 12.94 22.89
C ARG F 127 -10.81 12.71 24.05
N SER F 128 -10.29 12.23 25.21
CA SER F 128 -11.07 11.80 26.36
C SER F 128 -12.02 12.88 26.89
N SER F 129 -11.65 14.16 26.72
CA SER F 129 -12.46 15.27 27.20
C SER F 129 -13.49 15.77 26.18
N GLU F 130 -13.63 15.18 25.00
CA GLU F 130 -14.35 15.85 23.91
C GLU F 130 -15.85 15.97 24.21
N MET F 131 -16.42 14.99 24.88
CA MET F 131 -17.74 15.14 25.46
C MET F 131 -17.72 14.40 26.81
N PRO F 132 -18.41 14.90 27.86
CA PRO F 132 -18.32 14.29 29.19
C PRO F 132 -18.83 12.87 29.30
N GLU F 133 -19.71 12.47 28.35
CA GLU F 133 -20.20 11.11 28.27
C GLU F 133 -19.05 10.16 27.96
N LEU F 134 -18.19 10.56 27.02
CA LEU F 134 -16.96 9.85 26.71
C LEU F 134 -16.05 9.79 27.92
N THR F 135 -15.84 10.95 28.58
CA THR F 135 -15.00 11.05 29.77
C THR F 135 -15.47 10.08 30.86
N SER F 136 -16.78 9.98 31.04
CA SER F 136 -17.37 9.09 32.02
C SER F 136 -17.00 7.63 31.74
N MET F 137 -17.02 7.22 30.46
CA MET F 137 -16.65 5.87 30.07
C MET F 137 -15.15 5.65 30.26
N HIS F 138 -14.30 6.63 29.91
CA HIS F 138 -12.87 6.57 30.23
C HIS F 138 -12.67 6.34 31.73
N THR F 139 -13.36 7.15 32.56
CA THR F 139 -13.24 7.08 33.99
C THR F 139 -13.69 5.70 34.49
N LEU F 140 -14.80 5.20 33.96
CA LEU F 140 -15.27 3.89 34.34
C LEU F 140 -14.19 2.83 34.15
N LEU F 141 -13.52 2.81 32.99
CA LEU F 141 -12.49 1.81 32.72
C LEU F 141 -11.22 1.99 33.57
N LEU F 142 -10.80 3.23 33.83
CA LEU F 142 -9.74 3.49 34.82
C LEU F 142 -10.05 2.81 36.15
N ARG F 143 -11.26 3.09 36.67
CA ARG F 143 -11.68 2.53 37.94
C ARG F 143 -11.66 0.99 37.88
N GLU F 144 -12.13 0.42 36.77
CA GLU F 144 -12.27 -1.01 36.63
C GLU F 144 -10.92 -1.68 36.70
N HIS F 145 -9.92 -1.06 36.04
CA HIS F 145 -8.55 -1.50 36.11
C HIS F 145 -8.08 -1.56 37.56
N ASN F 146 -8.21 -0.44 38.30
CA ASN F 146 -7.70 -0.37 39.67
C ASN F 146 -8.42 -1.36 40.58
N ARG F 147 -9.72 -1.52 40.37
CA ARG F 147 -10.50 -2.49 41.12
C ARG F 147 -9.98 -3.91 40.90
N LEU F 148 -9.68 -4.25 39.63
CA LEU F 148 -9.19 -5.56 39.26
C LEU F 148 -7.80 -5.77 39.80
N ALA F 149 -6.94 -4.76 39.65
CA ALA F 149 -5.59 -4.81 40.20
C ALA F 149 -5.60 -5.06 41.72
N THR F 150 -6.53 -4.38 42.40
CA THR F 150 -6.65 -4.47 43.84
C THR F 150 -7.06 -5.89 44.22
N GLU F 151 -8.04 -6.45 43.49
CA GLU F 151 -8.61 -7.75 43.79
C GLU F 151 -7.59 -8.86 43.54
N LEU F 152 -6.81 -8.71 42.47
CA LEU F 152 -5.75 -9.63 42.14
C LEU F 152 -4.59 -9.56 43.15
N LYS F 153 -4.27 -8.37 43.66
CA LYS F 153 -3.27 -8.21 44.70
C LYS F 153 -3.67 -9.03 45.92
N SER F 154 -4.93 -8.86 46.36
CA SER F 154 -5.50 -9.64 47.44
C SER F 154 -5.42 -11.14 47.16
N LEU F 155 -5.68 -11.54 45.90
CA LEU F 155 -5.64 -12.94 45.50
C LEU F 155 -4.20 -13.47 45.41
N ASN F 156 -3.25 -12.66 44.91
CA ASN F 156 -1.87 -13.06 44.65
C ASN F 156 -0.93 -12.05 45.30
N PRO F 157 -0.68 -12.13 46.63
CA PRO F 157 0.14 -11.13 47.31
C PRO F 157 1.57 -10.99 46.79
N ARG F 158 2.14 -12.07 46.23
CA ARG F 158 3.50 -12.05 45.71
C ARG F 158 3.65 -11.20 44.45
N TRP F 159 2.57 -11.04 43.67
CA TRP F 159 2.61 -10.31 42.40
C TRP F 159 3.09 -8.88 42.59
N ASP F 160 4.08 -8.49 41.75
CA ASP F 160 4.63 -7.14 41.71
C ASP F 160 3.70 -6.25 40.87
N GLY F 161 4.01 -4.94 40.87
CA GLY F 161 3.22 -3.92 40.17
C GLY F 161 3.09 -4.19 38.67
N GLU F 162 4.18 -4.60 38.02
CA GLU F 162 4.17 -4.92 36.60
C GLU F 162 3.18 -6.06 36.32
N ARG F 163 3.22 -7.13 37.10
CA ARG F 163 2.36 -8.28 36.87
C ARG F 163 0.90 -7.92 37.08
N LEU F 164 0.61 -7.17 38.15
CA LEU F 164 -0.74 -6.70 38.45
C LEU F 164 -1.31 -5.83 37.33
N TYR F 165 -0.53 -4.86 36.85
CA TYR F 165 -0.95 -3.95 35.78
C TYR F 165 -1.29 -4.72 34.51
N GLN F 166 -0.39 -5.63 34.11
CA GLN F 166 -0.57 -6.41 32.90
C GLN F 166 -1.80 -7.30 32.96
N GLU F 167 -2.05 -7.94 34.12
CA GLU F 167 -3.10 -8.92 34.30
C GLU F 167 -4.45 -8.21 34.28
N ALA F 168 -4.51 -7.08 35.00
CA ALA F 168 -5.67 -6.22 34.94
C ALA F 168 -5.91 -5.69 33.52
N ARG F 169 -4.83 -5.24 32.86
CA ARG F 169 -4.90 -4.68 31.51
C ARG F 169 -5.46 -5.70 30.52
N LYS F 170 -4.98 -6.94 30.62
CA LYS F 170 -5.43 -8.07 29.82
C LYS F 170 -6.92 -8.34 30.02
N ILE F 171 -7.38 -8.22 31.26
CA ILE F 171 -8.79 -8.40 31.57
C ILE F 171 -9.59 -7.27 30.92
N VAL F 172 -9.18 -6.01 31.11
CA VAL F 172 -9.91 -4.88 30.56
C VAL F 172 -9.98 -4.96 29.03
N GLY F 173 -8.86 -5.35 28.41
CA GLY F 173 -8.80 -5.64 26.99
C GLY F 173 -9.87 -6.64 26.54
N ALA F 174 -9.95 -7.76 27.26
CA ALA F 174 -10.96 -8.79 26.99
C ALA F 174 -12.37 -8.25 27.17
N MET F 175 -12.58 -7.38 28.17
CA MET F 175 -13.93 -6.89 28.44
C MET F 175 -14.38 -5.97 27.30
N VAL F 176 -13.45 -5.15 26.79
CA VAL F 176 -13.74 -4.28 25.65
C VAL F 176 -14.07 -5.15 24.41
N GLN F 177 -13.33 -6.26 24.24
CA GLN F 177 -13.54 -7.14 23.11
C GLN F 177 -14.90 -7.83 23.20
N ILE F 178 -15.25 -8.34 24.40
CA ILE F 178 -16.52 -9.04 24.58
C ILE F 178 -17.68 -8.07 24.38
N ILE F 179 -17.64 -6.92 25.02
CA ILE F 179 -18.75 -5.97 24.90
C ILE F 179 -18.93 -5.60 23.41
N THR F 180 -17.81 -5.38 22.72
CA THR F 180 -17.83 -4.92 21.35
C THR F 180 -18.48 -5.96 20.45
N TYR F 181 -18.05 -7.22 20.56
CA TYR F 181 -18.40 -8.24 19.59
C TYR F 181 -19.65 -9.00 19.99
N ARG F 182 -19.91 -9.17 21.28
CA ARG F 182 -21.11 -9.85 21.74
C ARG F 182 -22.33 -8.92 21.75
N ASP F 183 -22.20 -7.68 22.22
CA ASP F 183 -23.32 -6.78 22.52
C ASP F 183 -23.45 -5.64 21.51
N TYR F 184 -22.34 -4.97 21.18
CA TYR F 184 -22.38 -3.74 20.39
C TYR F 184 -22.57 -4.03 18.90
N LEU F 185 -21.65 -4.77 18.28
CA LEU F 185 -21.58 -4.89 16.83
C LEU F 185 -22.83 -5.54 16.24
N PRO F 186 -23.48 -6.53 16.89
CA PRO F 186 -24.71 -7.07 16.34
C PRO F 186 -25.81 -6.04 16.16
N LEU F 187 -25.84 -5.01 17.04
CA LEU F 187 -26.81 -3.94 16.98
C LEU F 187 -26.43 -2.87 15.94
N VAL F 188 -25.17 -2.84 15.48
CA VAL F 188 -24.75 -1.99 14.37
C VAL F 188 -25.10 -2.65 13.05
N LEU F 189 -24.65 -3.89 12.89
CA LEU F 189 -24.71 -4.61 11.63
C LEU F 189 -26.07 -5.25 11.40
N GLY F 190 -26.76 -5.68 12.46
CA GLY F 190 -27.93 -6.54 12.36
C GLY F 190 -27.54 -8.01 12.14
N PRO F 191 -28.44 -8.97 12.35
CA PRO F 191 -28.08 -10.38 12.38
C PRO F 191 -27.48 -10.96 11.10
N THR F 192 -28.03 -10.59 9.93
CA THR F 192 -27.58 -11.08 8.64
C THR F 192 -26.13 -10.70 8.36
N ALA F 193 -25.83 -9.38 8.50
CA ALA F 193 -24.50 -8.88 8.27
C ALA F 193 -23.52 -9.38 9.33
N MET F 194 -23.98 -9.53 10.58
CA MET F 194 -23.14 -10.05 11.65
C MET F 194 -22.68 -11.47 11.32
N ARG F 195 -23.61 -12.34 10.92
CA ARG F 195 -23.30 -13.70 10.46
C ARG F 195 -22.37 -13.68 9.24
N LYS F 196 -22.61 -12.74 8.33
CA LYS F 196 -21.87 -12.67 7.09
C LYS F 196 -20.45 -12.22 7.36
N TYR F 197 -20.24 -11.13 8.13
CA TYR F 197 -18.92 -10.55 8.29
C TYR F 197 -18.20 -11.07 9.53
N LEU F 198 -18.92 -11.55 10.54
CA LEU F 198 -18.31 -12.04 11.77
C LEU F 198 -18.87 -13.42 12.06
N PRO F 199 -18.59 -14.45 11.21
CA PRO F 199 -18.91 -15.82 11.56
C PRO F 199 -18.11 -16.25 12.78
N THR F 200 -18.58 -17.32 13.44
CA THR F 200 -18.02 -17.83 14.68
C THR F 200 -16.50 -17.94 14.55
N TYR F 201 -15.81 -17.38 15.54
CA TYR F 201 -14.35 -17.43 15.69
C TYR F 201 -13.86 -18.88 15.63
N ARG F 202 -12.89 -19.15 14.74
CA ARG F 202 -12.15 -20.41 14.69
C ARG F 202 -10.89 -20.23 15.57
N SER F 203 -9.93 -19.44 15.07
CA SER F 203 -8.63 -19.34 15.68
C SER F 203 -7.87 -18.14 15.09
N TYR F 204 -6.80 -17.73 15.78
CA TYR F 204 -5.86 -16.73 15.29
C TYR F 204 -5.26 -17.16 13.95
N ASN F 205 -5.30 -16.23 12.99
CA ASN F 205 -4.76 -16.43 11.67
C ASN F 205 -3.76 -15.28 11.41
N ASP F 206 -2.48 -15.65 11.35
CA ASP F 206 -1.38 -14.71 11.20
C ASP F 206 -1.26 -14.15 9.78
N SER F 207 -2.14 -14.53 8.86
CA SER F 207 -2.18 -13.96 7.53
C SER F 207 -3.36 -12.98 7.35
N VAL F 208 -4.07 -12.67 8.43
CA VAL F 208 -5.14 -11.68 8.41
C VAL F 208 -4.50 -10.36 8.83
N ASP F 209 -4.52 -9.39 7.93
CA ASP F 209 -3.90 -8.11 8.17
C ASP F 209 -4.79 -7.33 9.15
N PRO F 210 -4.36 -7.03 10.40
CA PRO F 210 -5.19 -6.33 11.37
C PRO F 210 -5.12 -4.80 11.32
N ARG F 211 -4.53 -4.19 10.28
CA ARG F 211 -4.49 -2.74 10.18
C ARG F 211 -5.87 -2.13 9.95
N ILE F 212 -6.05 -0.92 10.49
CA ILE F 212 -7.20 -0.11 10.18
C ILE F 212 -7.05 0.33 8.73
N ALA F 213 -8.11 0.15 7.95
CA ALA F 213 -8.15 0.65 6.59
C ALA F 213 -8.55 2.12 6.63
N ASN F 214 -7.97 2.90 5.73
CA ASN F 214 -8.18 4.33 5.66
C ASN F 214 -9.67 4.65 5.63
N VAL F 215 -10.41 3.93 4.78
CA VAL F 215 -11.84 4.13 4.61
C VAL F 215 -12.63 3.92 5.90
N PHE F 216 -12.21 3.02 6.80
CA PHE F 216 -12.89 2.76 8.05
C PHE F 216 -12.89 4.00 8.96
N THR F 217 -11.81 4.80 8.92
CA THR F 217 -11.74 6.04 9.68
C THR F 217 -12.91 6.96 9.33
N ASN F 218 -13.40 6.85 8.09
CA ASN F 218 -14.50 7.69 7.63
C ASN F 218 -15.87 6.99 7.73
N ALA F 219 -15.92 5.72 7.34
CA ALA F 219 -17.11 4.92 7.38
C ALA F 219 -17.66 4.78 8.81
N PHE F 220 -16.78 4.64 9.80
CA PHE F 220 -17.21 4.38 11.17
C PHE F 220 -17.73 5.66 11.82
N ARG F 221 -17.63 6.80 11.16
CA ARG F 221 -18.30 8.04 11.56
C ARG F 221 -19.79 8.03 11.24
N TYR F 222 -20.37 6.91 10.78
CA TYR F 222 -21.82 6.68 10.82
C TYR F 222 -22.39 7.07 12.19
N GLY F 223 -21.61 6.88 13.25
CA GLY F 223 -22.04 7.18 14.61
C GLY F 223 -22.40 8.63 14.87
N HIS F 224 -21.95 9.54 14.00
CA HIS F 224 -22.34 10.92 14.07
C HIS F 224 -23.84 11.08 13.87
N THR F 225 -24.48 10.13 13.16
CA THR F 225 -25.94 10.14 12.95
C THR F 225 -26.71 9.75 14.21
N LEU F 226 -26.04 9.16 15.21
CA LEU F 226 -26.69 8.69 16.42
C LEU F 226 -26.75 9.76 17.51
N ILE F 227 -26.05 10.88 17.28
CA ILE F 227 -25.77 11.85 18.32
C ILE F 227 -27.03 12.68 18.57
N GLN F 228 -27.27 12.96 19.85
CA GLN F 228 -28.44 13.67 20.32
C GLN F 228 -27.99 15.10 20.63
N PRO F 229 -28.84 16.14 20.49
CA PRO F 229 -28.40 17.52 20.70
C PRO F 229 -28.16 17.92 22.14
N PHE F 230 -28.42 17.02 23.12
CA PHE F 230 -28.19 17.35 24.52
C PHE F 230 -27.36 16.27 25.21
N MET F 231 -26.71 16.67 26.30
CA MET F 231 -26.28 15.74 27.34
C MET F 231 -27.38 15.68 28.42
N PHE F 232 -27.80 14.44 28.76
CA PHE F 232 -28.87 14.19 29.71
C PHE F 232 -28.26 13.66 31.01
N ARG F 233 -28.62 14.29 32.14
CA ARG F 233 -28.20 13.86 33.46
C ARG F 233 -29.43 13.49 34.29
N LEU F 234 -29.30 12.39 35.03
CA LEU F 234 -30.41 11.81 35.78
C LEU F 234 -29.93 11.49 37.21
N ASP F 235 -30.84 11.67 38.17
CA ASP F 235 -30.58 11.36 39.56
C ASP F 235 -30.74 9.86 39.78
N ASN F 236 -30.61 9.44 41.05
CA ASN F 236 -30.59 8.03 41.43
C ASN F 236 -31.98 7.39 41.27
N ARG F 237 -33.04 8.19 41.09
CA ARG F 237 -34.37 7.71 40.74
C ARG F 237 -34.64 7.81 39.23
N TYR F 238 -33.58 8.06 38.44
CA TYR F 238 -33.65 8.27 37.00
C TYR F 238 -34.58 9.42 36.64
N GLN F 239 -34.68 10.44 37.53
CA GLN F 239 -35.33 11.69 37.20
C GLN F 239 -34.25 12.71 36.80
N PRO F 240 -34.60 13.78 36.06
CA PRO F 240 -33.70 14.90 35.77
C PRO F 240 -32.87 15.39 36.97
N MET F 241 -31.55 15.51 36.81
CA MET F 241 -30.61 15.95 37.82
C MET F 241 -30.57 17.47 37.75
N GLU F 242 -31.14 18.13 38.78
CA GLU F 242 -31.36 19.57 38.78
C GLU F 242 -30.05 20.27 39.17
N PRO F 243 -29.78 21.52 38.69
CA PRO F 243 -30.72 22.33 37.93
C PRO F 243 -30.66 22.21 36.40
N ASN F 244 -29.65 21.51 35.84
CA ASN F 244 -29.32 21.50 34.41
C ASN F 244 -29.37 20.08 33.83
N PRO F 245 -30.58 19.46 33.74
CA PRO F 245 -30.68 18.09 33.28
C PRO F 245 -30.42 17.89 31.79
N ARG F 246 -30.58 18.94 30.96
CA ARG F 246 -30.46 18.86 29.52
C ARG F 246 -29.56 19.98 29.01
N VAL F 247 -28.24 19.74 29.00
CA VAL F 247 -27.27 20.68 28.48
C VAL F 247 -27.18 20.52 26.96
N PRO F 248 -27.29 21.60 26.13
CA PRO F 248 -26.97 21.50 24.71
C PRO F 248 -25.52 21.08 24.48
N LEU F 249 -25.31 20.26 23.44
CA LEU F 249 -24.04 19.63 23.16
C LEU F 249 -22.95 20.68 22.94
N SER F 250 -23.33 21.77 22.22
CA SER F 250 -22.43 22.88 22.00
C SER F 250 -21.99 23.55 23.31
N ARG F 251 -22.51 23.14 24.48
CA ARG F 251 -22.01 23.60 25.78
C ARG F 251 -21.35 22.50 26.62
N VAL F 252 -21.12 21.29 26.05
CA VAL F 252 -20.43 20.20 26.76
C VAL F 252 -19.10 19.79 26.12
N PHE F 253 -18.80 20.28 24.91
CA PHE F 253 -17.59 19.89 24.21
C PHE F 253 -16.40 20.42 25.01
N PHE F 254 -15.47 19.53 25.40
CA PHE F 254 -14.31 19.85 26.22
C PHE F 254 -14.70 20.36 27.61
N ALA F 255 -15.94 20.14 28.08
CA ALA F 255 -16.42 20.72 29.34
C ALA F 255 -16.08 19.80 30.52
N SER F 256 -14.76 19.60 30.73
CA SER F 256 -14.26 18.69 31.74
C SER F 256 -14.74 19.11 33.14
N TRP F 257 -14.89 20.43 33.38
CA TRP F 257 -15.42 20.98 34.62
C TRP F 257 -16.76 20.35 35.03
N ARG F 258 -17.61 19.97 34.06
CA ARG F 258 -18.91 19.41 34.38
C ARG F 258 -18.77 18.04 35.05
N VAL F 259 -17.73 17.25 34.71
CA VAL F 259 -17.49 15.98 35.36
C VAL F 259 -17.05 16.25 36.79
N VAL F 260 -16.15 17.22 36.96
CA VAL F 260 -15.51 17.46 38.23
C VAL F 260 -16.48 18.16 39.18
N LEU F 261 -17.24 19.16 38.71
CA LEU F 261 -17.94 20.10 39.57
C LEU F 261 -19.45 19.95 39.50
N GLU F 262 -20.04 19.38 38.43
CA GLU F 262 -21.49 19.19 38.39
C GLU F 262 -21.84 17.72 38.63
N GLY F 263 -21.04 17.03 39.46
CA GLY F 263 -21.49 15.83 40.17
C GLY F 263 -21.07 14.51 39.52
N GLY F 264 -19.97 14.49 38.77
CA GLY F 264 -19.30 13.23 38.44
C GLY F 264 -20.03 12.45 37.35
N ILE F 265 -19.67 11.16 37.29
CA ILE F 265 -19.97 10.34 36.13
C ILE F 265 -21.34 9.67 36.26
N ASP F 266 -21.84 9.46 37.50
CA ASP F 266 -23.05 8.69 37.73
C ASP F 266 -24.24 9.32 37.01
N PRO F 267 -24.49 10.65 37.11
CA PRO F 267 -25.62 11.26 36.40
C PRO F 267 -25.57 11.11 34.88
N ILE F 268 -24.35 11.16 34.31
CA ILE F 268 -24.11 11.02 32.87
C ILE F 268 -24.37 9.59 32.42
N LEU F 269 -23.82 8.61 33.13
CA LEU F 269 -24.03 7.19 32.80
C LEU F 269 -25.50 6.79 32.84
N ARG F 270 -26.25 7.32 33.83
CA ARG F 270 -27.69 7.05 33.93
C ARG F 270 -28.42 7.62 32.73
N GLY F 271 -28.05 8.86 32.34
CA GLY F 271 -28.57 9.49 31.14
C GLY F 271 -28.30 8.65 29.89
N LEU F 272 -27.07 8.12 29.77
CA LEU F 272 -26.71 7.27 28.63
C LEU F 272 -27.57 6.01 28.60
N MET F 273 -27.87 5.46 29.77
CA MET F 273 -28.62 4.20 29.86
C MET F 273 -30.11 4.40 29.58
N ALA F 274 -30.68 5.53 29.99
CA ALA F 274 -32.12 5.68 30.04
C ALA F 274 -32.63 6.71 29.04
N THR F 275 -31.77 7.14 28.10
CA THR F 275 -32.16 8.03 27.02
C THR F 275 -32.00 7.27 25.71
N PRO F 276 -32.90 7.41 24.71
CA PRO F 276 -32.65 6.82 23.40
C PRO F 276 -31.56 7.55 22.64
N ALA F 277 -30.85 6.82 21.78
CA ALA F 277 -30.06 7.44 20.72
C ALA F 277 -31.00 8.11 19.72
N LYS F 278 -30.44 9.06 18.96
CA LYS F 278 -31.10 9.58 17.79
C LYS F 278 -31.11 8.48 16.73
N LEU F 279 -32.25 8.33 16.06
CA LEU F 279 -32.34 7.50 14.88
C LEU F 279 -31.77 8.26 13.68
N ASN F 280 -30.95 7.60 12.88
CA ASN F 280 -30.61 8.09 11.54
C ASN F 280 -31.81 7.83 10.63
N ARG F 281 -32.39 8.92 10.08
CA ARG F 281 -33.41 8.87 9.05
C ARG F 281 -32.87 9.66 7.85
N GLN F 282 -33.34 9.37 6.64
CA GLN F 282 -32.79 9.97 5.42
C GLN F 282 -33.00 11.48 5.32
N ASN F 283 -34.10 11.98 5.91
CA ASN F 283 -34.39 13.40 6.00
C ASN F 283 -33.92 14.01 7.31
N GLN F 284 -33.33 13.20 8.21
CA GLN F 284 -32.85 13.64 9.50
C GLN F 284 -31.51 12.98 9.84
N ILE F 285 -30.45 13.35 9.10
CA ILE F 285 -29.20 12.61 9.10
C ILE F 285 -28.37 12.99 10.31
N ALA F 286 -28.13 14.30 10.53
CA ALA F 286 -27.29 14.74 11.65
C ALA F 286 -27.71 16.11 12.17
N VAL F 287 -27.57 16.30 13.49
CA VAL F 287 -28.18 17.41 14.22
C VAL F 287 -27.34 18.69 14.08
N ASP F 288 -28.02 19.82 14.28
CA ASP F 288 -27.39 21.13 14.11
C ASP F 288 -26.39 21.42 15.22
N GLU F 289 -26.45 20.77 16.39
CA GLU F 289 -25.44 20.97 17.42
C GLU F 289 -24.04 20.56 16.94
N ILE F 290 -23.94 19.52 16.07
CA ILE F 290 -22.66 19.13 15.44
C ILE F 290 -22.52 19.69 14.03
N ARG F 291 -23.62 19.99 13.33
CA ARG F 291 -23.58 20.52 11.97
C ARG F 291 -23.36 22.04 11.95
N GLU F 292 -23.76 22.74 13.02
CA GLU F 292 -23.68 24.20 13.08
C GLU F 292 -22.77 24.71 14.20
N ARG F 293 -22.66 24.01 15.32
CA ARG F 293 -22.08 24.59 16.52
C ARG F 293 -21.00 23.68 17.10
N LEU F 294 -20.37 22.84 16.26
CA LEU F 294 -19.35 21.95 16.75
C LEU F 294 -18.19 22.79 17.28
N PHE F 295 -17.92 22.63 18.59
CA PHE F 295 -16.77 23.22 19.26
C PHE F 295 -16.83 24.74 19.20
N GLU F 296 -18.02 25.33 19.16
CA GLU F 296 -18.13 26.78 19.02
C GLU F 296 -17.65 27.50 20.27
N GLN F 297 -17.61 26.84 21.44
CA GLN F 297 -17.10 27.44 22.66
C GLN F 297 -15.58 27.61 22.66
N VAL F 298 -14.85 26.86 21.83
CA VAL F 298 -13.41 26.76 21.99
C VAL F 298 -12.69 27.12 20.70
N MET F 299 -13.36 27.89 19.84
CA MET F 299 -12.91 28.13 18.48
C MET F 299 -13.63 29.32 17.86
N ARG F 300 -13.01 29.87 16.81
CA ARG F 300 -13.46 31.14 16.25
C ARG F 300 -14.84 31.01 15.64
N ILE F 301 -15.15 29.80 15.15
CA ILE F 301 -16.38 29.54 14.45
C ILE F 301 -16.83 28.12 14.76
N GLY F 302 -18.14 27.90 14.65
CA GLY F 302 -18.71 26.59 14.82
C GLY F 302 -18.43 25.72 13.59
N LEU F 303 -17.91 24.51 13.85
CA LEU F 303 -17.55 23.62 12.76
C LEU F 303 -18.81 22.88 12.30
N ASP F 304 -18.68 22.16 11.20
CA ASP F 304 -19.72 21.30 10.64
C ASP F 304 -19.17 19.88 10.51
N LEU F 305 -19.59 18.98 11.42
CA LEU F 305 -18.95 17.69 11.56
C LEU F 305 -19.23 16.87 10.31
N PRO F 306 -20.49 16.80 9.79
CA PRO F 306 -20.74 16.18 8.48
C PRO F 306 -19.88 16.72 7.34
N ALA F 307 -19.70 18.05 7.29
CA ALA F 307 -18.89 18.66 6.24
C ALA F 307 -17.43 18.28 6.42
N LEU F 308 -16.93 18.30 7.66
CA LEU F 308 -15.58 17.83 7.96
C LEU F 308 -15.36 16.39 7.48
N ASN F 309 -16.36 15.51 7.65
CA ASN F 309 -16.25 14.12 7.29
C ASN F 309 -15.99 14.00 5.79
N MET F 310 -16.73 14.81 5.02
CA MET F 310 -16.70 14.79 3.58
C MET F 310 -15.38 15.42 3.11
N GLN F 311 -15.00 16.56 3.69
CA GLN F 311 -13.70 17.13 3.42
C GLN F 311 -12.60 16.13 3.77
N ARG F 312 -12.71 15.46 4.93
CA ARG F 312 -11.68 14.51 5.32
C ARG F 312 -11.54 13.33 4.36
N SER F 313 -12.63 12.82 3.79
CA SER F 313 -12.54 11.73 2.83
C SER F 313 -11.82 12.14 1.54
N ARG F 314 -11.93 13.42 1.18
CA ARG F 314 -11.22 13.98 0.04
C ARG F 314 -9.74 14.16 0.36
N ASP F 315 -9.43 14.71 1.55
CA ASP F 315 -8.08 14.76 2.10
C ASP F 315 -7.39 13.39 2.05
N HIS F 316 -8.09 12.31 2.39
CA HIS F 316 -7.54 10.97 2.46
C HIS F 316 -7.54 10.25 1.11
N GLY F 317 -8.06 10.89 0.06
CA GLY F 317 -8.07 10.37 -1.27
C GLY F 317 -8.95 9.13 -1.38
N LEU F 318 -10.07 9.13 -0.63
CA LEU F 318 -10.96 7.97 -0.61
C LEU F 318 -11.76 7.96 -1.90
N PRO F 319 -11.86 6.80 -2.59
CA PRO F 319 -12.81 6.66 -3.70
C PRO F 319 -14.24 6.95 -3.31
N GLY F 320 -15.08 7.23 -4.31
CA GLY F 320 -16.48 7.57 -4.05
C GLY F 320 -17.36 6.33 -3.84
N TYR F 321 -18.63 6.64 -3.59
CA TYR F 321 -19.63 5.65 -3.20
C TYR F 321 -19.61 4.42 -4.09
N ASN F 322 -19.76 4.57 -5.41
CA ASN F 322 -19.86 3.39 -6.28
C ASN F 322 -18.62 2.50 -6.24
N ALA F 323 -17.43 3.06 -6.06
CA ALA F 323 -16.21 2.26 -6.01
C ALA F 323 -16.24 1.35 -4.79
N TRP F 324 -16.78 1.89 -3.67
CA TRP F 324 -16.95 1.14 -2.44
C TRP F 324 -18.09 0.12 -2.55
N ARG F 325 -19.19 0.45 -3.25
CA ARG F 325 -20.25 -0.52 -3.51
C ARG F 325 -19.65 -1.75 -4.24
N ARG F 326 -18.87 -1.48 -5.28
CA ARG F 326 -18.24 -2.55 -6.07
C ARG F 326 -17.26 -3.38 -5.24
N PHE F 327 -16.41 -2.70 -4.47
CA PHE F 327 -15.53 -3.35 -3.52
C PHE F 327 -16.28 -4.33 -2.63
N CYS F 328 -17.44 -3.92 -2.15
CA CYS F 328 -18.32 -4.69 -1.28
C CYS F 328 -19.22 -5.66 -2.01
N GLY F 329 -19.24 -5.68 -3.33
CA GLY F 329 -20.03 -6.64 -4.10
C GLY F 329 -21.50 -6.25 -4.17
N LEU F 330 -21.79 -4.95 -4.14
CA LEU F 330 -23.14 -4.41 -4.15
C LEU F 330 -23.37 -3.72 -5.49
N PRO F 331 -24.61 -3.66 -6.03
CA PRO F 331 -24.91 -2.86 -7.22
C PRO F 331 -24.43 -1.43 -7.18
N GLN F 332 -23.92 -0.93 -8.30
CA GLN F 332 -23.45 0.45 -8.44
C GLN F 332 -24.44 1.24 -9.30
N PRO F 333 -25.32 2.08 -8.72
CA PRO F 333 -26.27 2.86 -9.52
C PRO F 333 -25.61 3.95 -10.35
N GLU F 334 -25.95 4.02 -11.65
CA GLU F 334 -25.41 5.01 -12.57
C GLU F 334 -26.35 6.21 -12.69
N THR F 335 -27.68 5.99 -12.70
CA THR F 335 -28.65 7.03 -12.97
C THR F 335 -29.35 7.44 -11.69
N VAL F 336 -30.00 8.60 -11.73
CA VAL F 336 -30.80 9.07 -10.61
C VAL F 336 -31.91 8.07 -10.26
N GLY F 337 -32.52 7.44 -11.24
CA GLY F 337 -33.55 6.43 -11.01
C GLY F 337 -33.01 5.19 -10.29
N GLN F 338 -31.83 4.74 -10.70
CA GLN F 338 -31.16 3.63 -10.07
C GLN F 338 -30.74 3.95 -8.64
N LEU F 339 -30.25 5.18 -8.43
CA LEU F 339 -29.89 5.61 -7.08
C LEU F 339 -31.13 5.68 -6.21
N GLY F 340 -32.28 6.11 -6.79
CA GLY F 340 -33.58 6.05 -6.13
C GLY F 340 -33.93 4.66 -5.61
N THR F 341 -33.75 3.63 -6.45
CA THR F 341 -34.03 2.25 -6.06
C THR F 341 -33.10 1.82 -4.92
N VAL F 342 -31.82 2.17 -5.03
CA VAL F 342 -30.81 1.81 -4.04
C VAL F 342 -31.12 2.46 -2.68
N LEU F 343 -31.58 3.72 -2.69
CA LEU F 343 -31.90 4.46 -1.47
C LEU F 343 -33.37 4.30 -1.05
N ARG F 344 -34.20 3.59 -1.83
CA ARG F 344 -35.65 3.61 -1.67
C ARG F 344 -36.18 5.04 -1.56
N ASN F 345 -35.58 5.97 -2.30
CA ASN F 345 -35.82 7.37 -2.03
C ASN F 345 -35.32 8.18 -3.23
N LEU F 346 -36.24 8.45 -4.16
CA LEU F 346 -35.93 9.18 -5.39
C LEU F 346 -35.64 10.64 -5.06
N LYS F 347 -36.27 11.20 -4.03
CA LYS F 347 -36.08 12.58 -3.61
C LYS F 347 -34.64 12.78 -3.14
N LEU F 348 -34.15 11.88 -2.29
CA LEU F 348 -32.77 11.96 -1.80
C LEU F 348 -31.80 11.71 -2.95
N ALA F 349 -32.15 10.75 -3.82
CA ALA F 349 -31.33 10.48 -5.00
C ALA F 349 -31.15 11.74 -5.84
N ARG F 350 -32.26 12.46 -6.10
CA ARG F 350 -32.23 13.70 -6.87
C ARG F 350 -31.35 14.76 -6.20
N LYS F 351 -31.43 14.88 -4.88
CA LYS F 351 -30.59 15.82 -4.14
C LYS F 351 -29.10 15.47 -4.21
N LEU F 352 -28.76 14.18 -4.08
CA LEU F 352 -27.38 13.73 -4.18
C LEU F 352 -26.82 13.96 -5.58
N MET F 353 -27.61 13.68 -6.62
CA MET F 353 -27.16 13.85 -7.99
C MET F 353 -27.00 15.33 -8.33
N GLU F 354 -27.83 16.19 -7.73
CA GLU F 354 -27.72 17.64 -7.90
C GLU F 354 -26.39 18.14 -7.38
N GLN F 355 -25.96 17.63 -6.21
CA GLN F 355 -24.70 18.01 -5.60
C GLN F 355 -23.54 17.35 -6.31
N TYR F 356 -23.59 16.03 -6.57
CA TYR F 356 -22.43 15.26 -7.01
C TYR F 356 -22.37 14.96 -8.50
N GLY F 357 -23.49 15.02 -9.22
CA GLY F 357 -23.47 14.83 -10.67
C GLY F 357 -23.48 13.37 -11.14
N THR F 358 -22.78 12.46 -10.44
CA THR F 358 -22.87 11.01 -10.63
C THR F 358 -22.77 10.32 -9.27
N PRO F 359 -23.36 9.11 -9.05
CA PRO F 359 -23.13 8.36 -7.82
C PRO F 359 -21.70 7.85 -7.65
N ASN F 360 -20.88 7.96 -8.69
CA ASN F 360 -19.45 7.69 -8.58
C ASN F 360 -18.75 8.66 -7.63
N ASN F 361 -19.22 9.91 -7.53
CA ASN F 361 -18.51 10.98 -6.84
C ASN F 361 -19.03 11.19 -5.43
N ILE F 362 -20.09 10.49 -5.02
CA ILE F 362 -20.68 10.68 -3.71
C ILE F 362 -19.63 10.29 -2.66
N ASP F 363 -19.42 11.14 -1.68
CA ASP F 363 -18.42 10.91 -0.66
C ASP F 363 -18.90 9.74 0.18
N ILE F 364 -17.96 8.93 0.66
CA ILE F 364 -18.29 7.65 1.28
C ILE F 364 -19.18 7.84 2.52
N TRP F 365 -18.89 8.82 3.38
CA TRP F 365 -19.72 9.02 4.57
C TRP F 365 -21.15 9.35 4.17
N MET F 366 -21.28 10.32 3.24
CA MET F 366 -22.57 10.85 2.86
C MET F 366 -23.40 9.76 2.20
N GLY F 367 -22.77 9.03 1.27
CA GLY F 367 -23.40 7.88 0.65
C GLY F 367 -23.74 6.79 1.66
N GLY F 368 -22.79 6.45 2.54
CA GLY F 368 -22.94 5.39 3.53
C GLY F 368 -24.17 5.62 4.41
N VAL F 369 -24.27 6.84 4.96
CA VAL F 369 -25.31 7.15 5.93
C VAL F 369 -26.65 7.44 5.24
N SER F 370 -26.65 7.69 3.93
CA SER F 370 -27.87 7.85 3.16
C SER F 370 -28.64 6.54 2.96
N GLU F 371 -27.94 5.40 2.96
CA GLU F 371 -28.57 4.15 2.62
C GLU F 371 -29.55 3.78 3.72
N PRO F 372 -30.73 3.19 3.40
CA PRO F 372 -31.57 2.60 4.44
C PRO F 372 -30.88 1.49 5.22
N LEU F 373 -31.30 1.30 6.45
CA LEU F 373 -30.62 0.49 7.43
C LEU F 373 -31.01 -0.96 7.21
N LYS F 374 -30.04 -1.88 7.33
CA LYS F 374 -30.31 -3.31 7.41
C LYS F 374 -31.30 -3.54 8.55
N ARG F 375 -32.11 -4.60 8.44
CA ARG F 375 -33.04 -5.02 9.47
C ARG F 375 -32.29 -5.25 10.78
N LYS F 376 -32.69 -4.52 11.83
CA LYS F 376 -32.19 -4.64 13.19
C LYS F 376 -30.75 -4.12 13.27
N GLY F 377 -30.30 -3.36 12.26
CA GLY F 377 -29.00 -2.70 12.27
C GLY F 377 -29.20 -1.20 12.16
N ARG F 378 -28.09 -0.45 12.32
CA ARG F 378 -28.11 1.00 12.19
C ARG F 378 -27.17 1.50 11.11
N VAL F 379 -26.77 0.62 10.20
CA VAL F 379 -26.10 1.04 8.98
C VAL F 379 -26.76 0.30 7.83
N GLY F 380 -26.58 0.84 6.63
CA GLY F 380 -26.98 0.16 5.42
C GLY F 380 -25.92 -0.84 4.96
N PRO F 381 -26.16 -1.51 3.81
CA PRO F 381 -25.26 -2.56 3.35
C PRO F 381 -23.82 -2.13 3.13
N LEU F 382 -23.60 -0.90 2.64
CA LEU F 382 -22.25 -0.47 2.30
C LEU F 382 -21.40 -0.33 3.56
N LEU F 383 -21.91 0.44 4.51
CA LEU F 383 -21.25 0.63 5.79
C LEU F 383 -21.15 -0.67 6.58
N ALA F 384 -22.13 -1.56 6.44
CA ALA F 384 -22.08 -2.86 7.11
C ALA F 384 -20.91 -3.70 6.60
N CYS F 385 -20.68 -3.66 5.29
CA CYS F 385 -19.56 -4.36 4.68
C CYS F 385 -18.24 -3.84 5.18
N ILE F 386 -18.06 -2.52 5.12
CA ILE F 386 -16.81 -1.90 5.50
C ILE F 386 -16.55 -2.15 6.97
N ILE F 387 -17.51 -1.80 7.83
CA ILE F 387 -17.37 -1.94 9.27
C ILE F 387 -17.18 -3.42 9.65
N GLY F 388 -18.00 -4.31 9.05
CA GLY F 388 -17.93 -5.72 9.37
C GLY F 388 -16.59 -6.34 9.00
N THR F 389 -16.11 -5.96 7.81
CA THR F 389 -14.82 -6.44 7.30
C THR F 389 -13.70 -5.94 8.22
N GLN F 390 -13.77 -4.68 8.64
CA GLN F 390 -12.72 -4.16 9.50
C GLN F 390 -12.64 -4.97 10.79
N PHE F 391 -13.78 -5.22 11.46
CA PHE F 391 -13.82 -5.84 12.77
C PHE F 391 -13.46 -7.33 12.70
N ARG F 392 -13.72 -7.98 11.56
CA ARG F 392 -13.32 -9.35 11.39
C ARG F 392 -11.78 -9.43 11.37
N LYS F 393 -11.15 -8.49 10.67
CA LYS F 393 -9.71 -8.44 10.61
C LYS F 393 -9.09 -8.21 11.98
N LEU F 394 -9.73 -7.34 12.79
CA LEU F 394 -9.27 -7.01 14.14
C LEU F 394 -9.39 -8.21 15.08
N ARG F 395 -10.33 -9.11 14.83
CA ARG F 395 -10.51 -10.28 15.67
C ARG F 395 -9.53 -11.38 15.24
N ASP F 396 -9.64 -11.79 13.97
CA ASP F 396 -8.94 -12.95 13.46
C ASP F 396 -7.43 -12.71 13.34
N GLY F 397 -7.01 -11.44 13.20
CA GLY F 397 -5.60 -11.07 13.05
C GLY F 397 -4.98 -10.57 14.33
N ASP F 398 -5.64 -10.82 15.47
CA ASP F 398 -5.17 -10.42 16.79
C ASP F 398 -4.68 -11.66 17.53
N ARG F 399 -3.36 -11.71 17.76
CA ARG F 399 -2.75 -12.85 18.40
C ARG F 399 -3.20 -12.91 19.85
N PHE F 400 -3.61 -11.77 20.45
CA PHE F 400 -4.07 -11.73 21.83
C PHE F 400 -5.59 -11.68 21.96
N TRP F 401 -6.35 -12.01 20.91
CA TRP F 401 -7.79 -12.14 21.02
C TRP F 401 -8.14 -13.11 22.17
N TRP F 402 -9.18 -12.77 22.95
CA TRP F 402 -9.41 -13.40 24.24
C TRP F 402 -9.75 -14.89 24.08
N GLU F 403 -10.35 -15.29 22.95
CA GLU F 403 -10.66 -16.68 22.70
C GLU F 403 -9.48 -17.45 22.10
N ASN F 404 -8.39 -16.80 21.69
CA ASN F 404 -7.35 -17.52 20.97
C ASN F 404 -6.68 -18.48 21.96
N GLU F 405 -6.40 -19.71 21.51
CA GLU F 405 -5.70 -20.70 22.32
C GLU F 405 -4.47 -20.06 22.93
N GLY F 406 -4.34 -20.16 24.27
CA GLY F 406 -3.13 -19.77 24.99
C GLY F 406 -3.20 -18.38 25.61
N VAL F 407 -4.21 -17.56 25.29
CA VAL F 407 -4.30 -16.24 25.88
C VAL F 407 -4.86 -16.35 27.31
N PHE F 408 -6.02 -16.98 27.46
CA PHE F 408 -6.59 -17.27 28.78
C PHE F 408 -6.78 -18.78 28.93
N SER F 409 -6.80 -19.26 30.18
CA SER F 409 -7.21 -20.64 30.44
C SER F 409 -8.69 -20.78 30.13
N MET F 410 -9.13 -22.04 30.00
CA MET F 410 -10.52 -22.34 29.69
C MET F 410 -11.43 -21.89 30.85
N GLN F 411 -10.90 -21.87 32.07
CA GLN F 411 -11.62 -21.35 33.23
C GLN F 411 -11.73 -19.82 33.23
N GLN F 412 -10.65 -19.14 32.86
CA GLN F 412 -10.71 -17.69 32.79
C GLN F 412 -11.73 -17.26 31.73
N ARG F 413 -11.79 -18.00 30.62
CA ARG F 413 -12.73 -17.73 29.55
C ARG F 413 -14.16 -17.92 30.03
N GLN F 414 -14.44 -18.99 30.82
CA GLN F 414 -15.77 -19.21 31.37
C GLN F 414 -16.13 -18.02 32.26
N ALA F 415 -15.16 -17.51 33.05
CA ALA F 415 -15.37 -16.36 33.93
C ALA F 415 -15.62 -15.07 33.15
N LEU F 416 -14.80 -14.80 32.13
CA LEU F 416 -14.91 -13.58 31.33
C LEU F 416 -16.25 -13.50 30.59
N ALA F 417 -16.79 -14.66 30.20
CA ALA F 417 -18.07 -14.71 29.51
C ALA F 417 -19.21 -14.14 30.35
N GLN F 418 -19.06 -14.04 31.68
CA GLN F 418 -20.03 -13.42 32.58
C GLN F 418 -19.98 -11.89 32.57
N ILE F 419 -18.99 -11.25 31.95
CA ILE F 419 -18.87 -9.80 32.06
C ILE F 419 -19.98 -9.11 31.25
N SER F 420 -20.30 -7.90 31.67
CA SER F 420 -21.21 -7.05 30.92
C SER F 420 -20.95 -5.61 31.33
N LEU F 421 -21.35 -4.67 30.49
CA LEU F 421 -21.12 -3.27 30.79
C LEU F 421 -21.92 -2.83 32.02
N PRO F 422 -23.22 -3.22 32.20
CA PRO F 422 -23.95 -2.90 33.43
C PRO F 422 -23.23 -3.32 34.71
N ARG F 423 -22.64 -4.52 34.69
CA ARG F 423 -21.87 -5.04 35.81
C ARG F 423 -20.69 -4.13 36.14
N ILE F 424 -19.96 -3.70 35.11
CA ILE F 424 -18.85 -2.79 35.29
C ILE F 424 -19.33 -1.47 35.92
N ILE F 425 -20.52 -0.97 35.54
CA ILE F 425 -21.06 0.25 36.11
C ILE F 425 -21.41 0.05 37.59
N CYS F 426 -22.12 -1.03 37.93
CA CYS F 426 -22.40 -1.42 39.31
C CYS F 426 -21.12 -1.45 40.15
N ASP F 427 -20.05 -2.05 39.62
CA ASP F 427 -18.83 -2.28 40.38
C ASP F 427 -18.00 -1.00 40.57
N ASN F 428 -18.22 0.09 39.81
CA ASN F 428 -17.31 1.23 39.87
C ASN F 428 -18.02 2.59 39.97
N THR F 429 -19.33 2.63 40.27
CA THR F 429 -20.06 3.88 40.49
C THR F 429 -20.96 3.75 41.72
N GLY F 430 -21.67 4.83 42.05
CA GLY F 430 -22.72 4.79 43.07
C GLY F 430 -24.10 4.44 42.51
N ILE F 431 -24.16 3.80 41.35
CA ILE F 431 -25.42 3.44 40.71
C ILE F 431 -25.74 2.02 41.17
N THR F 432 -26.98 1.78 41.64
CA THR F 432 -27.41 0.45 42.08
C THR F 432 -28.52 -0.12 41.18
N THR F 433 -29.07 0.68 40.24
CA THR F 433 -30.00 0.18 39.24
C THR F 433 -29.48 0.56 37.85
N VAL F 434 -29.44 -0.41 36.90
CA VAL F 434 -28.73 -0.32 35.64
C VAL F 434 -29.57 -1.00 34.56
N SER F 435 -29.19 -0.79 33.28
CA SER F 435 -29.89 -1.41 32.15
C SER F 435 -29.86 -2.93 32.25
N LYS F 436 -30.97 -3.55 31.85
CA LYS F 436 -31.06 -4.99 31.64
C LYS F 436 -30.35 -5.41 30.37
N ASN F 437 -30.42 -6.72 30.08
CA ASN F 437 -30.40 -7.29 28.75
C ASN F 437 -29.07 -6.88 28.14
N ASN F 438 -29.12 -6.61 26.82
CA ASN F 438 -28.21 -5.73 26.10
C ASN F 438 -28.45 -4.28 26.51
N ILE F 439 -27.42 -3.69 27.12
CA ILE F 439 -27.38 -2.29 27.50
C ILE F 439 -27.62 -1.35 26.32
N PHE F 440 -27.26 -1.78 25.11
CA PHE F 440 -27.31 -0.92 23.94
C PHE F 440 -28.71 -0.83 23.33
N MET F 441 -29.62 -1.74 23.73
CA MET F 441 -31.01 -1.72 23.30
C MET F 441 -31.87 -1.10 24.39
N SER F 442 -31.69 -1.61 25.63
CA SER F 442 -32.38 -1.14 26.83
C SER F 442 -32.21 0.38 26.96
N ASN F 443 -33.34 1.12 26.98
CA ASN F 443 -33.30 2.59 26.96
C ASN F 443 -34.43 3.27 27.74
N SER F 444 -35.23 2.54 28.55
CA SER F 444 -36.44 3.09 29.12
C SER F 444 -36.56 2.70 30.59
N TYR F 445 -36.49 3.68 31.49
CA TYR F 445 -36.67 3.47 32.91
C TYR F 445 -38.17 3.51 33.23
N PRO F 446 -38.71 2.68 34.15
CA PRO F 446 -38.03 1.53 34.77
C PRO F 446 -38.07 0.23 33.97
N ARG F 447 -38.87 0.17 32.90
CA ARG F 447 -39.11 -1.06 32.16
C ARG F 447 -37.83 -1.85 31.90
N ASP F 448 -36.76 -1.18 31.44
CA ASP F 448 -35.56 -1.89 31.01
C ASP F 448 -34.49 -1.95 32.09
N PHE F 449 -34.84 -1.86 33.39
CA PHE F 449 -33.84 -1.72 34.45
C PHE F 449 -33.94 -2.82 35.51
N VAL F 450 -32.78 -3.19 36.11
CA VAL F 450 -32.66 -4.17 37.18
C VAL F 450 -31.76 -3.65 38.29
N ASN F 451 -31.88 -4.25 39.48
CA ASN F 451 -30.99 -3.95 40.60
C ASN F 451 -29.65 -4.63 40.34
N CYS F 452 -28.57 -3.96 40.74
CA CYS F 452 -27.20 -4.43 40.53
C CYS F 452 -26.97 -5.83 41.10
N SER F 453 -27.56 -6.10 42.27
CA SER F 453 -27.41 -7.38 42.94
C SER F 453 -27.90 -8.57 42.09
N THR F 454 -28.82 -8.36 41.13
CA THR F 454 -29.27 -9.42 40.23
C THR F 454 -28.22 -9.82 39.17
N LEU F 455 -27.11 -9.06 39.02
CA LEU F 455 -26.20 -9.28 37.90
C LEU F 455 -25.00 -10.11 38.33
N PRO F 456 -24.54 -11.09 37.51
CA PRO F 456 -23.37 -11.90 37.86
C PRO F 456 -22.06 -11.11 37.82
N ALA F 457 -21.27 -11.20 38.91
CA ALA F 457 -19.96 -10.57 39.01
C ALA F 457 -18.89 -11.38 38.26
N LEU F 458 -17.75 -10.72 38.00
CA LEU F 458 -16.57 -11.36 37.46
C LEU F 458 -15.88 -12.12 38.60
N ASN F 459 -15.79 -13.44 38.48
CA ASN F 459 -15.12 -14.28 39.45
C ASN F 459 -13.66 -14.47 39.03
N LEU F 460 -12.73 -13.93 39.82
CA LEU F 460 -11.31 -13.98 39.50
C LEU F 460 -10.59 -15.20 40.11
N ALA F 461 -11.34 -16.22 40.57
CA ALA F 461 -10.76 -17.38 41.23
C ALA F 461 -9.72 -18.10 40.37
N SER F 462 -9.93 -18.18 39.04
CA SER F 462 -8.99 -18.87 38.15
C SER F 462 -7.73 -18.06 37.83
N TRP F 463 -7.62 -16.82 38.33
CA TRP F 463 -6.38 -16.03 38.32
C TRP F 463 -5.52 -16.28 39.57
N ARG F 464 -5.99 -17.10 40.53
CA ARG F 464 -5.19 -17.52 41.68
C ARG F 464 -3.90 -18.25 41.23
N GLU F 465 -2.84 -18.09 42.04
CA GLU F 465 -1.47 -18.55 41.78
C GLU F 465 -0.70 -18.61 43.12
#